data_1EO8
#
_entry.id   1EO8
#
_cell.length_a   138.150
_cell.length_b   138.150
_cell.length_c   129.500
_cell.angle_alpha   90.00
_cell.angle_beta   90.00
_cell.angle_gamma   120.00
#
_symmetry.space_group_name_H-M   'P 3 2 1'
#
loop_
_entity.id
_entity.type
_entity.pdbx_description
1 polymer 'HEMAGGLUTININ (HA1 CHAIN)'
2 polymer 'HEMAGGLUTININ (HA2 CHAIN)'
3 polymer 'ANTIBODY (LIGHT CHAIN)'
4 polymer 'ANTIBODY (HEAVY CHAIN)'
5 branched alpha-D-mannopyranose-(1-4)-2-acetamido-2-deoxy-beta-D-glucopyranose-(1-4)-2-acetamido-2-deoxy-beta-D-glucopyranose
6 branched 2-acetamido-2-deoxy-beta-D-glucopyranose-(1-4)-2-acetamido-2-deoxy-beta-D-glucopyranose
7 non-polymer 2-acetamido-2-deoxy-beta-D-glucopyranose
8 water water
#
loop_
_entity_poly.entity_id
_entity_poly.type
_entity_poly.pdbx_seq_one_letter_code
_entity_poly.pdbx_strand_id
1 'polypeptide(L)'
;QDLPGNDNSTATLCLGHHAVPNGTLVKTITDDQIEVTNATELVQSSSTGKICNNPHRILDGIDCTLIDALLGDPHCDVFQ
NETWDLFVERSKAFSNCYPYDVPDYASLRSLVASSGTLEFITEGFTWTGVTQNGGSNACKRGPGSGFFSRLNWLTKSGST
YPVLNVTMPNNDNFDKLYIWGIHHPSTNQEQTSLYVQASGRVTVSTRRSQQTIIPNIGSRPWVRGLSSRISIYWTIVKPG
DVLVINSNGNLIAPRGYFKMRTGKSSIMRSDAPIDTCISECITPNGSIPNDKPFQNVNKITYGACPKYVKQNTLKLATGM
RNVPEKQT
;
A
2 'polypeptide(L)'
;GLFGAIAGFIENGWEGMIDGWYGFRHQNSEGTGQAADLKSTQAAIDQINGKLNRVIEKTNEKFHQIEKEFSEVEGRIQDL
EKYVEDTKIDLWSYNAELLVALENQHTIDLTDSEMNKLFEKTRRQLRENAEEMGNGCFKIYHKCDNACIESIRNGTYDHD
VYRDEALNNRFQIKG
;
B
3 'polypeptide(L)'
;QIILTQSPAIMSASPGEKVTMTCSASSDISYMHWYQQKSDTSPKIWIYDTSKLASGVPARFSGSGSGTSYSLTISTMEAE
DAATYYCHQRSSYPTFGGGTKLEIKRADAAPTVSIFPPSKIQLTSGGASVVCFLNNFYPKDINVKWKIDGSERQNGVLNS
WTDQDSKDSTYSMSSTLTLTKDEYERHNSYTCEATHKTSTSPIVKSFNRN
;
L
4 'polypeptide(L)'
;QVQLQQSGAELMKPGPSVKISCKATGYSFSTYFIEWIRQRPGHGLEWIGEILPGSDNTNFNEKFKDRATFTADTPSNTAY
MQLSSLTSEDSAVYYCARPTGRLWFSYWGQGTLVTVSAAKTTPPSVYPLAPGSAAQTNSMVTLGCLVKGYFPEPVTVTWN
SGSLSSGVHTFPAVLQSDLYTLSSSVTVPSSPRPSETVTCNVAHPASSTKVDKKIVP
;
H
#
# COMPACT_ATOMS: atom_id res chain seq x y z
N SER A 9 -70.93 31.56 -27.34
CA SER A 9 -71.02 33.04 -27.55
C SER A 9 -69.58 33.60 -27.57
N THR A 10 -68.89 33.43 -26.46
CA THR A 10 -67.50 33.85 -26.32
C THR A 10 -66.72 32.66 -25.76
N ALA A 11 -65.41 32.69 -25.97
CA ALA A 11 -64.50 31.64 -25.51
C ALA A 11 -63.38 32.35 -24.76
N THR A 12 -62.53 31.57 -24.09
CA THR A 12 -61.43 32.15 -23.32
C THR A 12 -60.17 31.35 -23.44
N LEU A 13 -59.13 31.94 -24.03
CA LEU A 13 -57.84 31.28 -24.20
C LEU A 13 -56.96 31.94 -23.16
N CYS A 14 -56.18 31.15 -22.43
CA CYS A 14 -55.29 31.70 -21.43
C CYS A 14 -53.90 31.16 -21.64
N LEU A 15 -52.96 32.07 -21.85
CA LEU A 15 -51.55 31.73 -22.05
C LEU A 15 -50.98 31.47 -20.67
N GLY A 16 -49.99 30.60 -20.60
CA GLY A 16 -49.40 30.32 -19.31
C GLY A 16 -48.08 29.62 -19.46
N HIS A 17 -47.42 29.36 -18.34
CA HIS A 17 -46.13 28.67 -18.33
C HIS A 17 -46.13 27.57 -17.27
N HIS A 18 -45.35 26.50 -17.44
CA HIS A 18 -45.34 25.44 -16.44
C HIS A 18 -44.73 25.86 -15.13
N ALA A 19 -44.80 24.99 -14.15
CA ALA A 19 -44.24 25.28 -12.84
C ALA A 19 -44.03 23.90 -12.26
N VAL A 20 -43.41 23.83 -11.09
CA VAL A 20 -43.16 22.53 -10.45
C VAL A 20 -43.39 22.63 -8.97
N PRO A 21 -43.73 21.52 -8.35
CA PRO A 21 -43.99 21.50 -6.92
C PRO A 21 -42.75 21.84 -6.09
N ASN A 22 -41.56 21.64 -6.67
CA ASN A 22 -40.29 21.89 -5.97
C ASN A 22 -39.19 22.56 -6.80
N GLY A 23 -39.07 23.88 -6.69
CA GLY A 23 -38.02 24.53 -7.44
C GLY A 23 -36.68 24.42 -6.74
N THR A 24 -35.76 25.29 -7.13
CA THR A 24 -34.42 25.33 -6.59
C THR A 24 -34.13 26.81 -6.54
N LEU A 25 -33.42 27.24 -5.51
CA LEU A 25 -33.04 28.63 -5.37
C LEU A 25 -31.72 28.83 -6.08
N VAL A 26 -31.61 29.94 -6.80
CA VAL A 26 -30.40 30.29 -7.52
C VAL A 26 -30.10 31.77 -7.21
N LYS A 27 -28.83 32.15 -7.35
CA LYS A 27 -28.36 33.51 -7.14
C LYS A 27 -28.44 34.21 -8.50
N THR A 28 -28.74 35.49 -8.53
CA THR A 28 -28.81 36.25 -9.75
C THR A 28 -28.10 37.56 -9.47
N ILE A 29 -28.31 38.55 -10.31
CA ILE A 29 -27.66 39.83 -10.16
C ILE A 29 -28.33 40.64 -9.07
N THR A 30 -29.64 40.43 -8.93
CA THR A 30 -30.41 41.19 -7.95
C THR A 30 -30.90 40.39 -6.77
N ASP A 31 -31.13 39.09 -6.98
CA ASP A 31 -31.64 38.19 -5.96
C ASP A 31 -30.55 37.25 -5.56
N ASP A 32 -30.32 37.11 -4.25
CA ASP A 32 -29.29 36.18 -3.78
C ASP A 32 -29.82 34.76 -3.92
N GLN A 33 -31.11 34.59 -3.64
CA GLN A 33 -31.76 33.29 -3.73
C GLN A 33 -33.10 33.51 -4.34
N ILE A 34 -33.38 32.90 -5.49
CA ILE A 34 -34.69 33.04 -6.14
C ILE A 34 -35.01 31.69 -6.73
N GLU A 35 -36.29 31.33 -6.78
CA GLU A 35 -36.68 30.00 -7.22
C GLU A 35 -36.93 29.68 -8.68
N VAL A 36 -36.01 28.97 -9.30
CA VAL A 36 -36.22 28.60 -10.69
C VAL A 36 -36.80 27.18 -10.61
N THR A 37 -37.28 26.64 -11.73
CA THR A 37 -37.86 25.32 -11.78
C THR A 37 -36.80 24.24 -11.65
N ASN A 38 -35.68 24.43 -12.32
CA ASN A 38 -34.61 23.43 -12.27
C ASN A 38 -33.25 24.06 -12.49
N ALA A 39 -32.19 23.40 -12.05
CA ALA A 39 -30.86 23.94 -12.20
C ALA A 39 -29.78 22.91 -11.95
N THR A 40 -28.59 23.14 -12.50
CA THR A 40 -27.50 22.22 -12.32
C THR A 40 -26.31 22.81 -11.54
N GLU A 41 -25.57 21.92 -10.89
CA GLU A 41 -24.41 22.30 -10.10
C GLU A 41 -23.20 22.42 -10.99
N LEU A 42 -22.49 23.54 -10.89
CA LEU A 42 -21.31 23.78 -11.70
C LEU A 42 -20.01 23.45 -10.96
N VAL A 43 -20.12 23.21 -9.65
CA VAL A 43 -19.00 22.91 -8.79
C VAL A 43 -18.99 21.45 -8.38
N GLN A 44 -17.88 20.79 -8.65
CA GLN A 44 -17.67 19.38 -8.32
C GLN A 44 -17.10 19.34 -6.92
N SER A 45 -17.74 18.65 -6.00
CA SER A 45 -17.20 18.61 -4.67
C SER A 45 -16.95 17.25 -4.11
N SER A 46 -16.90 16.23 -4.96
CA SER A 46 -16.73 14.89 -4.44
C SER A 46 -15.79 14.12 -5.28
N SER A 47 -15.11 13.19 -4.61
CA SER A 47 -14.13 12.30 -5.21
C SER A 47 -14.57 10.91 -4.82
N THR A 48 -14.04 9.92 -5.53
CA THR A 48 -14.33 8.50 -5.32
C THR A 48 -13.41 8.04 -4.20
N GLY A 49 -12.30 8.76 -4.06
CA GLY A 49 -11.32 8.46 -3.04
C GLY A 49 -10.16 7.69 -3.61
N LYS A 50 -10.37 7.06 -4.77
CA LYS A 50 -9.30 6.27 -5.37
C LYS A 50 -8.80 7.02 -6.55
N ILE A 51 -7.61 6.64 -7.00
CA ILE A 51 -6.95 7.22 -8.17
C ILE A 51 -7.05 6.21 -9.31
N CYS A 52 -7.75 6.58 -10.37
CA CYS A 52 -7.91 5.69 -11.52
C CYS A 52 -6.56 5.54 -12.22
N ASN A 53 -6.19 4.32 -12.51
CA ASN A 53 -4.94 4.06 -13.15
C ASN A 53 -4.98 4.28 -14.65
N ASN A 54 -6.00 4.98 -15.11
CA ASN A 54 -6.12 5.23 -16.55
C ASN A 54 -6.82 6.57 -16.79
N PRO A 55 -6.53 7.22 -17.91
CA PRO A 55 -5.66 6.93 -19.02
C PRO A 55 -4.22 7.41 -18.79
N HIS A 56 -3.93 7.93 -17.60
CA HIS A 56 -2.58 8.41 -17.26
C HIS A 56 -1.74 7.25 -16.70
N ARG A 57 -0.43 7.26 -16.94
CA ARG A 57 0.42 6.23 -16.39
C ARG A 57 0.71 6.64 -14.98
N ILE A 58 0.00 6.03 -14.03
CA ILE A 58 0.22 6.35 -12.62
C ILE A 58 1.23 5.34 -12.05
N LEU A 59 2.43 5.80 -11.67
CA LEU A 59 3.47 4.95 -11.07
C LEU A 59 3.49 5.31 -9.60
N ASP A 60 3.15 4.36 -8.74
CA ASP A 60 3.06 4.58 -7.29
C ASP A 60 4.41 4.39 -6.65
N GLY A 61 4.86 5.40 -5.89
CA GLY A 61 6.15 5.31 -5.23
C GLY A 61 6.24 4.34 -4.05
N ILE A 62 5.11 3.97 -3.45
CA ILE A 62 5.07 3.06 -2.31
C ILE A 62 5.97 3.55 -1.20
N ASP A 63 6.91 2.75 -0.73
CA ASP A 63 7.77 3.20 0.36
C ASP A 63 8.90 4.17 -0.06
N CYS A 64 9.00 4.46 -1.35
CA CYS A 64 10.04 5.35 -1.89
C CYS A 64 9.55 6.74 -2.34
N THR A 65 10.47 7.72 -2.37
CA THR A 65 10.19 9.07 -2.85
C THR A 65 10.99 9.16 -4.17
N LEU A 66 10.50 9.86 -5.18
CA LEU A 66 11.22 9.94 -6.46
C LEU A 66 12.70 10.11 -6.29
N ILE A 67 13.12 11.06 -5.47
CA ILE A 67 14.55 11.27 -5.25
C ILE A 67 15.27 9.95 -4.93
N ASP A 68 14.79 9.16 -3.97
CA ASP A 68 15.45 7.87 -3.64
C ASP A 68 15.42 6.88 -4.76
N ALA A 69 14.38 6.90 -5.58
CA ALA A 69 14.32 6.00 -6.71
C ALA A 69 15.42 6.42 -7.68
N LEU A 70 15.64 7.72 -7.75
CA LEU A 70 16.63 8.35 -8.60
C LEU A 70 18.00 7.91 -8.18
N LEU A 71 18.38 8.25 -6.96
CA LEU A 71 19.70 7.90 -6.45
C LEU A 71 19.94 6.40 -6.38
N GLY A 72 18.87 5.61 -6.30
CA GLY A 72 19.03 4.16 -6.24
C GLY A 72 19.20 3.60 -4.81
N ASP A 73 18.37 4.09 -3.90
CA ASP A 73 18.37 3.61 -2.54
C ASP A 73 17.95 2.15 -2.76
N PRO A 74 18.63 1.17 -2.15
CA PRO A 74 18.24 -0.24 -2.35
C PRO A 74 16.74 -0.60 -2.31
N HIS A 75 16.00 -0.20 -1.28
CA HIS A 75 14.60 -0.58 -1.29
C HIS A 75 13.84 -0.02 -2.51
N CYS A 76 14.45 0.94 -3.20
CA CYS A 76 13.84 1.55 -4.37
C CYS A 76 14.35 1.04 -5.71
N ASP A 77 15.41 0.25 -5.71
CA ASP A 77 15.96 -0.20 -6.95
C ASP A 77 14.93 -0.71 -7.90
N VAL A 78 13.77 -1.05 -7.37
CA VAL A 78 12.68 -1.57 -8.21
C VAL A 78 12.13 -0.55 -9.24
N PHE A 79 12.59 0.70 -9.16
CA PHE A 79 12.12 1.76 -10.05
C PHE A 79 13.12 2.12 -11.12
N GLN A 80 14.24 1.42 -11.15
CA GLN A 80 15.25 1.67 -12.15
C GLN A 80 14.62 1.64 -13.54
N ASN A 81 14.74 2.75 -14.23
CA ASN A 81 14.23 2.89 -15.57
C ASN A 81 12.73 3.10 -15.69
N GLU A 82 12.05 3.41 -14.58
CA GLU A 82 10.61 3.65 -14.68
C GLU A 82 10.27 4.94 -15.36
N THR A 83 9.07 4.99 -15.91
CA THR A 83 8.53 6.18 -16.55
C THR A 83 7.14 6.38 -15.96
N TRP A 84 6.56 7.55 -16.19
CA TRP A 84 5.25 7.83 -15.61
C TRP A 84 4.69 9.08 -16.18
N ASP A 85 3.39 9.22 -16.04
CA ASP A 85 2.73 10.45 -16.46
C ASP A 85 2.57 11.25 -15.16
N LEU A 86 2.32 10.52 -14.07
CA LEU A 86 2.17 11.08 -12.74
C LEU A 86 2.80 10.12 -11.72
N PHE A 87 3.90 10.53 -11.11
CA PHE A 87 4.54 9.68 -10.11
C PHE A 87 3.83 10.08 -8.84
N VAL A 88 3.33 9.12 -8.09
CA VAL A 88 2.63 9.42 -6.84
C VAL A 88 3.52 9.09 -5.66
N GLU A 89 3.67 10.05 -4.75
CA GLU A 89 4.49 9.90 -3.53
C GLU A 89 3.62 9.77 -2.32
N ARG A 90 3.89 8.76 -1.49
CA ARG A 90 3.13 8.51 -0.26
C ARG A 90 3.70 9.24 0.93
N SER A 91 2.82 9.54 1.88
CA SER A 91 3.14 10.30 3.05
C SER A 91 4.15 9.73 4.00
N LYS A 92 4.28 8.42 4.07
CA LYS A 92 5.24 7.85 5.01
C LYS A 92 6.45 7.16 4.35
N ALA A 93 6.67 7.46 3.07
CA ALA A 93 7.79 6.90 2.32
C ALA A 93 9.07 7.26 3.10
N PHE A 94 10.07 6.38 3.06
CA PHE A 94 11.28 6.61 3.83
C PHE A 94 12.55 6.27 3.06
N SER A 95 13.65 6.77 3.59
CA SER A 95 14.94 6.56 2.99
C SER A 95 15.73 5.72 3.93
N ASN A 96 16.30 4.65 3.41
CA ASN A 96 17.10 3.78 4.23
C ASN A 96 18.41 3.43 3.55
N CYS A 97 19.24 4.45 3.31
CA CYS A 97 20.56 4.29 2.70
C CYS A 97 21.42 5.41 3.31
N TYR A 98 22.59 5.69 2.76
CA TYR A 98 23.45 6.68 3.36
C TYR A 98 22.76 8.00 3.65
N PRO A 99 22.88 8.53 4.90
CA PRO A 99 22.18 9.81 5.14
C PRO A 99 22.71 10.89 4.18
N TYR A 100 21.79 11.73 3.70
CA TYR A 100 22.13 12.73 2.72
C TYR A 100 21.19 13.86 2.70
N ASP A 101 21.54 14.82 1.85
CA ASP A 101 20.70 15.97 1.67
C ASP A 101 20.91 16.48 0.27
N VAL A 102 19.90 17.18 -0.23
CA VAL A 102 19.95 17.72 -1.57
C VAL A 102 19.80 19.24 -1.52
N PRO A 103 20.90 19.98 -1.62
CA PRO A 103 20.70 21.42 -1.60
C PRO A 103 19.78 21.68 -2.79
N ASP A 104 18.70 22.41 -2.55
CA ASP A 104 17.67 22.67 -3.56
C ASP A 104 17.12 21.35 -4.10
N TYR A 105 16.46 20.65 -3.18
CA TYR A 105 15.83 19.36 -3.33
C TYR A 105 14.56 19.52 -4.15
N ALA A 106 13.83 20.60 -3.90
CA ALA A 106 12.59 20.85 -4.59
C ALA A 106 12.79 20.98 -6.10
N SER A 107 13.91 21.56 -6.53
CA SER A 107 14.13 21.67 -7.96
C SER A 107 14.55 20.35 -8.58
N LEU A 108 15.43 19.59 -7.93
CA LEU A 108 15.83 18.29 -8.50
C LEU A 108 14.56 17.43 -8.65
N ARG A 109 13.72 17.42 -7.61
CA ARG A 109 12.49 16.62 -7.62
C ARG A 109 11.60 17.11 -8.76
N SER A 110 11.37 18.41 -8.83
CA SER A 110 10.54 18.98 -9.87
C SER A 110 11.03 18.63 -11.29
N LEU A 111 12.31 18.87 -11.58
CA LEU A 111 12.81 18.59 -12.94
C LEU A 111 12.79 17.12 -13.28
N VAL A 112 13.06 16.27 -12.30
CA VAL A 112 12.99 14.86 -12.57
C VAL A 112 11.55 14.49 -12.73
N ALA A 113 10.71 15.02 -11.86
CA ALA A 113 9.27 14.78 -11.88
C ALA A 113 8.73 15.14 -13.27
N SER A 114 9.26 16.18 -13.87
CA SER A 114 8.82 16.55 -15.20
C SER A 114 9.53 15.76 -16.30
N SER A 115 10.80 15.41 -16.12
CA SER A 115 11.50 14.65 -17.16
C SER A 115 10.64 13.44 -17.46
N GLY A 116 10.00 12.91 -16.42
CA GLY A 116 9.13 11.74 -16.52
C GLY A 116 9.77 10.37 -16.80
N THR A 117 11.08 10.24 -16.52
CA THR A 117 11.79 9.00 -16.80
C THR A 117 13.06 8.88 -15.94
N LEU A 118 13.39 7.66 -15.52
CA LEU A 118 14.59 7.39 -14.72
C LEU A 118 15.61 6.55 -15.52
N GLU A 119 15.42 6.59 -16.82
CA GLU A 119 16.25 5.88 -17.76
C GLU A 119 17.69 6.28 -17.53
N PHE A 120 18.49 5.35 -17.00
CA PHE A 120 19.89 5.62 -16.74
C PHE A 120 20.69 5.00 -17.86
N ILE A 121 21.85 5.57 -18.12
CA ILE A 121 22.77 5.07 -19.15
C ILE A 121 24.17 5.10 -18.51
N THR A 122 24.72 3.93 -18.20
CA THR A 122 26.03 3.88 -17.58
C THR A 122 27.13 4.22 -18.56
N GLU A 123 27.98 5.15 -18.21
CA GLU A 123 29.07 5.53 -19.09
C GLU A 123 30.36 5.08 -18.42
N GLY A 124 31.40 4.94 -19.21
CA GLY A 124 32.65 4.47 -18.65
C GLY A 124 33.58 5.53 -18.09
N PHE A 125 33.27 6.00 -16.90
CA PHE A 125 34.14 6.98 -16.31
C PHE A 125 35.37 6.17 -15.92
N THR A 126 36.53 6.83 -15.90
CA THR A 126 37.78 6.18 -15.52
C THR A 126 38.30 6.92 -14.29
N TRP A 127 38.27 6.25 -13.14
CA TRP A 127 38.71 6.88 -11.91
C TRP A 127 40.08 6.32 -11.49
N THR A 128 41.11 6.78 -12.21
CA THR A 128 42.50 6.36 -12.00
C THR A 128 43.08 6.62 -10.61
N GLY A 129 43.45 5.52 -9.93
CA GLY A 129 44.08 5.56 -8.61
C GLY A 129 43.25 5.76 -7.35
N VAL A 130 41.96 5.43 -7.40
CA VAL A 130 41.08 5.57 -6.27
C VAL A 130 40.26 4.30 -6.25
N THR A 131 39.78 3.90 -5.08
CA THR A 131 39.00 2.68 -4.97
C THR A 131 37.51 2.91 -5.17
N GLN A 132 37.03 2.52 -6.35
CA GLN A 132 35.63 2.64 -6.72
C GLN A 132 34.67 1.71 -5.95
N ASN A 133 33.41 2.13 -5.92
CA ASN A 133 32.31 1.40 -5.31
C ASN A 133 32.42 1.21 -3.81
N GLY A 134 32.15 2.25 -3.02
CA GLY A 134 32.23 2.09 -1.57
C GLY A 134 30.91 2.03 -0.82
N GLY A 135 30.61 0.90 -0.20
CA GLY A 135 29.34 0.78 0.52
C GLY A 135 29.41 1.20 1.98
N SER A 136 28.28 1.10 2.68
CA SER A 136 28.25 1.46 4.09
C SER A 136 27.18 0.55 4.63
N ASN A 137 27.21 0.27 5.92
CA ASN A 137 26.19 -0.61 6.44
C ASN A 137 24.86 0.09 6.63
N ALA A 138 24.87 1.42 6.55
CA ALA A 138 23.64 2.19 6.69
C ALA A 138 22.82 2.02 5.44
N CYS A 139 23.43 1.48 4.39
CA CYS A 139 22.73 1.26 3.12
C CYS A 139 22.93 -0.19 2.73
N LYS A 140 22.57 -1.09 3.64
CA LYS A 140 22.76 -2.49 3.38
C LYS A 140 22.10 -2.90 2.10
N ARG A 141 22.91 -3.47 1.20
CA ARG A 141 22.42 -3.91 -0.09
C ARG A 141 22.34 -5.43 0.02
N GLY A 142 21.23 -5.89 0.57
CA GLY A 142 21.08 -7.30 0.80
C GLY A 142 21.52 -7.44 2.23
N PRO A 143 22.25 -8.49 2.58
CA PRO A 143 22.70 -8.67 3.97
C PRO A 143 23.92 -7.82 4.38
N GLY A 144 24.80 -7.54 3.41
CA GLY A 144 25.99 -6.76 3.69
C GLY A 144 25.90 -5.30 3.27
N SER A 145 26.98 -4.56 3.44
CA SER A 145 26.96 -3.16 3.07
C SER A 145 26.65 -2.93 1.58
N GLY A 146 26.12 -1.73 1.28
CA GLY A 146 25.76 -1.34 -0.09
C GLY A 146 25.78 0.16 -0.20
N PHE A 147 25.23 0.70 -1.29
CA PHE A 147 25.21 2.15 -1.53
C PHE A 147 24.26 2.47 -2.71
N PHE A 148 24.04 3.76 -2.97
CA PHE A 148 23.16 4.20 -4.03
C PHE A 148 23.58 3.54 -5.32
N SER A 149 22.70 2.80 -5.96
CA SER A 149 23.08 2.13 -7.19
C SER A 149 23.51 3.06 -8.30
N ARG A 150 23.26 4.37 -8.16
CA ARG A 150 23.61 5.28 -9.25
C ARG A 150 24.83 6.14 -9.02
N LEU A 151 25.50 5.94 -7.89
CA LEU A 151 26.68 6.71 -7.56
C LEU A 151 27.87 5.79 -7.23
N ASN A 152 29.07 6.34 -7.35
CA ASN A 152 30.28 5.60 -7.11
C ASN A 152 31.04 6.31 -5.98
N TRP A 153 31.13 5.67 -4.82
CA TRP A 153 31.83 6.27 -3.70
C TRP A 153 33.33 6.08 -3.91
N LEU A 154 34.03 7.14 -4.33
CA LEU A 154 35.47 7.03 -4.53
C LEU A 154 36.23 7.36 -3.26
N THR A 155 37.16 6.46 -2.92
CA THR A 155 38.01 6.58 -1.74
C THR A 155 39.46 6.25 -2.14
N LYS A 156 40.40 6.45 -1.24
CA LYS A 156 41.80 6.20 -1.59
C LYS A 156 42.15 4.75 -1.83
N SER A 157 43.19 4.55 -2.65
CA SER A 157 43.70 3.23 -2.96
C SER A 157 45.08 3.26 -2.32
N GLY A 158 45.34 2.26 -1.48
CA GLY A 158 46.61 2.18 -0.79
C GLY A 158 46.65 3.31 0.22
N SER A 159 47.49 4.29 -0.06
CA SER A 159 47.67 5.46 0.78
C SER A 159 47.67 6.68 -0.14
N THR A 160 46.99 6.57 -1.27
CA THR A 160 46.99 7.69 -2.20
C THR A 160 45.67 7.99 -2.91
N TYR A 161 45.24 9.25 -2.79
CA TYR A 161 44.05 9.71 -3.46
C TYR A 161 44.61 10.81 -4.32
N PRO A 162 44.79 10.54 -5.61
CA PRO A 162 45.33 11.45 -6.63
C PRO A 162 44.29 12.43 -7.10
N VAL A 163 44.75 13.50 -7.73
CA VAL A 163 43.82 14.47 -8.24
C VAL A 163 43.08 13.78 -9.38
N LEU A 164 41.75 13.74 -9.29
CA LEU A 164 40.90 13.13 -10.30
C LEU A 164 40.41 14.25 -11.20
N ASN A 165 40.59 14.08 -12.51
CA ASN A 165 40.18 15.07 -13.46
C ASN A 165 39.79 14.33 -14.71
N VAL A 166 38.50 13.98 -14.81
CA VAL A 166 38.00 13.23 -15.97
C VAL A 166 36.97 14.04 -16.76
N THR A 167 36.66 13.59 -17.97
CA THR A 167 35.69 14.28 -18.82
C THR A 167 34.86 13.31 -19.64
N MET A 168 33.63 13.72 -19.95
CA MET A 168 32.71 12.90 -20.74
C MET A 168 31.81 13.81 -21.60
N PRO A 169 32.01 13.78 -22.91
CA PRO A 169 31.29 14.55 -23.92
C PRO A 169 29.90 14.05 -24.26
N ASN A 170 28.99 14.99 -24.51
CA ASN A 170 27.63 14.64 -24.87
C ASN A 170 27.63 14.62 -26.41
N ASN A 171 27.86 13.47 -27.01
CA ASN A 171 27.84 13.36 -28.46
C ASN A 171 26.47 12.97 -28.97
N ASP A 172 25.51 12.91 -28.06
CA ASP A 172 24.16 12.52 -28.43
C ASP A 172 23.38 13.73 -28.86
N ASN A 173 22.15 13.48 -29.28
CA ASN A 173 21.24 14.53 -29.75
C ASN A 173 20.33 15.00 -28.64
N PHE A 174 20.60 14.54 -27.42
CA PHE A 174 19.78 14.90 -26.29
C PHE A 174 20.53 15.39 -25.06
N ASP A 175 19.82 16.09 -24.17
CA ASP A 175 20.37 16.58 -22.92
C ASP A 175 20.63 15.42 -21.97
N LYS A 176 21.66 15.51 -21.15
CA LYS A 176 21.95 14.45 -20.21
C LYS A 176 21.85 15.07 -18.82
N LEU A 177 21.51 14.28 -17.81
CA LEU A 177 21.39 14.78 -16.42
C LEU A 177 22.35 13.95 -15.58
N TYR A 178 23.38 14.58 -15.02
CA TYR A 178 24.35 13.86 -14.20
C TYR A 178 24.09 14.12 -12.73
N ILE A 179 23.89 13.07 -11.94
CA ILE A 179 23.62 13.29 -10.54
C ILE A 179 24.92 12.92 -9.85
N TRP A 180 25.49 13.84 -9.07
CA TRP A 180 26.71 13.54 -8.31
C TRP A 180 26.57 14.04 -6.88
N GLY A 181 27.64 13.98 -6.08
CA GLY A 181 27.55 14.44 -4.69
C GLY A 181 28.90 14.55 -3.99
N ILE A 182 28.92 15.13 -2.79
CA ILE A 182 30.17 15.28 -2.02
C ILE A 182 29.96 14.75 -0.61
N HIS A 183 30.99 14.16 -0.02
CA HIS A 183 30.85 13.55 1.30
C HIS A 183 31.41 14.42 2.40
N HIS A 184 30.62 14.67 3.44
CA HIS A 184 31.12 15.48 4.52
C HIS A 184 31.42 14.56 5.69
N PRO A 185 32.71 14.29 5.96
CA PRO A 185 33.14 13.44 7.07
C PRO A 185 32.80 14.03 8.46
N SER A 186 32.46 13.15 9.40
CA SER A 186 32.14 13.57 10.74
C SER A 186 33.32 14.19 11.44
N THR A 187 34.48 13.54 11.35
CA THR A 187 35.69 14.00 12.01
C THR A 187 36.87 14.02 11.09
N ASN A 188 37.84 14.86 11.42
CA ASN A 188 39.09 15.03 10.66
C ASN A 188 39.86 13.74 10.34
N GLN A 189 39.79 12.77 11.23
CA GLN A 189 40.48 11.50 11.03
C GLN A 189 39.87 10.89 9.77
N GLU A 190 38.57 10.61 9.84
CA GLU A 190 37.78 10.04 8.75
C GLU A 190 38.13 10.70 7.39
N GLN A 191 38.23 12.03 7.40
CA GLN A 191 38.58 12.80 6.21
C GLN A 191 39.87 12.30 5.62
N THR A 192 40.93 12.35 6.39
CA THR A 192 42.23 11.92 5.94
C THR A 192 42.30 10.39 5.71
N SER A 193 41.63 9.63 6.57
CA SER A 193 41.63 8.18 6.44
C SER A 193 41.04 7.78 5.09
N LEU A 194 40.01 8.51 4.68
CA LEU A 194 39.28 8.26 3.45
C LEU A 194 39.86 8.88 2.17
N TYR A 195 40.16 10.17 2.21
CA TYR A 195 40.64 10.82 1.01
C TYR A 195 42.07 11.35 1.11
N VAL A 196 42.72 11.06 2.23
CA VAL A 196 44.08 11.46 2.45
C VAL A 196 44.24 12.96 2.68
N GLN A 197 44.14 13.77 1.63
CA GLN A 197 44.28 15.24 1.80
C GLN A 197 43.40 15.65 2.97
N ALA A 198 43.65 16.81 3.55
CA ALA A 198 42.82 17.23 4.68
C ALA A 198 41.60 18.03 4.29
N SER A 199 41.54 18.45 3.03
CA SER A 199 40.43 19.25 2.53
C SER A 199 40.13 18.85 1.09
N GLY A 200 39.00 18.19 0.86
CA GLY A 200 38.64 17.79 -0.48
C GLY A 200 38.01 18.91 -1.28
N ARG A 201 37.53 18.60 -2.47
CA ARG A 201 36.90 19.62 -3.31
C ARG A 201 36.34 18.91 -4.52
N VAL A 202 35.13 19.31 -4.92
CA VAL A 202 34.48 18.72 -6.09
C VAL A 202 34.12 19.83 -7.04
N THR A 203 34.72 19.83 -8.22
CA THR A 203 34.47 20.86 -9.21
C THR A 203 33.86 20.20 -10.44
N VAL A 204 32.61 20.50 -10.71
CA VAL A 204 31.96 19.90 -11.85
C VAL A 204 31.56 21.02 -12.76
N SER A 205 31.88 20.87 -14.05
CA SER A 205 31.54 21.91 -15.01
C SER A 205 31.33 21.39 -16.42
N THR A 206 30.62 22.20 -17.17
CA THR A 206 30.30 21.98 -18.55
C THR A 206 31.09 23.13 -19.16
N ARG A 207 30.86 23.46 -20.41
CA ARG A 207 31.61 24.54 -21.02
C ARG A 207 31.20 25.93 -20.56
N ARG A 208 30.04 26.09 -19.94
CA ARG A 208 29.66 27.44 -19.51
C ARG A 208 29.30 27.64 -18.06
N SER A 209 28.98 26.57 -17.35
CA SER A 209 28.64 26.70 -15.95
C SER A 209 29.70 25.96 -15.22
N GLN A 210 29.64 26.05 -13.90
CA GLN A 210 30.62 25.39 -13.07
C GLN A 210 30.06 25.27 -11.65
N GLN A 211 30.56 24.32 -10.86
CA GLN A 211 30.11 24.16 -9.48
C GLN A 211 31.24 23.57 -8.67
N THR A 212 31.70 24.29 -7.64
CA THR A 212 32.74 23.74 -6.79
C THR A 212 32.17 23.65 -5.39
N ILE A 213 32.28 22.46 -4.80
CA ILE A 213 31.77 22.23 -3.45
C ILE A 213 32.93 21.73 -2.60
N ILE A 214 33.13 22.36 -1.45
CA ILE A 214 34.15 21.98 -0.49
C ILE A 214 33.40 21.26 0.62
N PRO A 215 33.90 20.08 1.06
CA PRO A 215 33.19 19.37 2.13
C PRO A 215 33.38 20.06 3.45
N ASN A 216 32.47 19.79 4.40
CA ASN A 216 32.50 20.36 5.74
C ASN A 216 32.50 19.30 6.83
N ILE A 217 33.64 19.16 7.50
CA ILE A 217 33.85 18.16 8.56
C ILE A 217 33.13 18.57 9.83
N GLY A 218 32.42 17.61 10.43
CA GLY A 218 31.68 17.88 11.66
C GLY A 218 30.66 16.81 11.99
N SER A 219 30.30 16.70 13.26
CA SER A 219 29.31 15.71 13.68
C SER A 219 27.93 16.17 13.30
N ARG A 220 27.01 15.22 13.20
CA ARG A 220 25.64 15.53 12.85
C ARG A 220 24.74 14.54 13.59
N PRO A 221 23.41 14.77 13.60
CA PRO A 221 22.56 13.81 14.31
C PRO A 221 22.80 12.43 13.71
N TRP A 222 22.99 11.43 14.57
CA TRP A 222 23.20 10.09 14.13
C TRP A 222 21.98 9.68 13.32
N VAL A 223 22.24 9.12 12.15
CA VAL A 223 21.18 8.62 11.27
C VAL A 223 21.71 7.29 10.76
N ARG A 224 20.95 6.24 10.98
CA ARG A 224 21.37 4.92 10.53
C ARG A 224 22.79 4.70 11.00
N GLY A 225 23.08 5.18 12.20
CA GLY A 225 24.39 4.98 12.76
C GLY A 225 25.52 5.88 12.33
N LEU A 226 25.28 6.71 11.32
CA LEU A 226 26.31 7.62 10.82
C LEU A 226 26.01 9.06 11.19
N SER A 227 27.04 9.86 11.43
CA SER A 227 26.84 11.27 11.73
C SER A 227 27.54 12.13 10.67
N SER A 228 27.82 11.51 9.53
CA SER A 228 28.42 12.21 8.42
C SER A 228 27.35 12.21 7.34
N ARG A 229 27.57 12.91 6.24
CA ARG A 229 26.55 13.00 5.21
C ARG A 229 27.09 13.03 3.80
N ILE A 230 26.16 13.01 2.85
CA ILE A 230 26.45 13.12 1.43
C ILE A 230 25.54 14.28 1.01
N SER A 231 26.03 15.17 0.16
CA SER A 231 25.20 16.26 -0.35
C SER A 231 25.10 15.97 -1.84
N ILE A 232 23.88 15.88 -2.34
CA ILE A 232 23.63 15.60 -3.74
C ILE A 232 23.55 16.83 -4.67
N TYR A 233 24.09 16.70 -5.87
CA TYR A 233 24.08 17.78 -6.84
C TYR A 233 23.79 17.21 -8.22
N TRP A 234 23.45 18.08 -9.17
CA TRP A 234 23.16 17.65 -10.54
C TRP A 234 23.75 18.63 -11.55
N THR A 235 23.98 18.14 -12.76
CA THR A 235 24.54 18.94 -13.83
C THR A 235 23.96 18.41 -15.13
N ILE A 236 23.26 19.27 -15.86
CA ILE A 236 22.67 18.92 -17.14
C ILE A 236 23.70 19.33 -18.17
N VAL A 237 23.92 18.45 -19.13
CA VAL A 237 24.90 18.68 -20.15
C VAL A 237 24.21 18.66 -21.50
N LYS A 238 24.16 19.83 -22.15
CA LYS A 238 23.50 19.96 -23.45
C LYS A 238 24.32 19.35 -24.58
N PRO A 239 23.64 18.81 -25.57
CA PRO A 239 24.32 18.19 -26.71
C PRO A 239 25.42 19.09 -27.27
N GLY A 240 26.56 18.50 -27.59
CA GLY A 240 27.67 19.29 -28.10
C GLY A 240 28.56 19.83 -26.99
N ASP A 241 28.07 19.73 -25.76
CA ASP A 241 28.80 20.20 -24.61
C ASP A 241 29.69 19.09 -24.12
N VAL A 242 30.27 19.26 -22.95
CA VAL A 242 31.14 18.23 -22.38
C VAL A 242 31.19 18.43 -20.88
N LEU A 243 31.22 17.31 -20.15
CA LEU A 243 31.27 17.33 -18.70
C LEU A 243 32.69 17.05 -18.26
N VAL A 244 33.11 17.72 -17.19
CA VAL A 244 34.46 17.53 -16.65
C VAL A 244 34.37 17.58 -15.14
N ILE A 245 34.75 16.48 -14.49
CA ILE A 245 34.74 16.40 -13.04
C ILE A 245 36.20 16.43 -12.58
N ASN A 246 36.50 17.28 -11.61
CA ASN A 246 37.83 17.40 -11.06
C ASN A 246 37.70 17.43 -9.53
N SER A 247 38.42 16.56 -8.86
CA SER A 247 38.32 16.53 -7.43
C SER A 247 39.52 15.86 -6.84
N ASN A 248 39.96 16.38 -5.70
CA ASN A 248 41.11 15.82 -4.99
C ASN A 248 40.62 15.27 -3.66
N GLY A 249 39.36 14.83 -3.65
CA GLY A 249 38.82 14.24 -2.45
C GLY A 249 37.38 14.59 -2.19
N ASN A 250 36.69 13.61 -1.60
CA ASN A 250 35.29 13.68 -1.19
C ASN A 250 34.21 13.59 -2.25
N LEU A 251 34.55 13.10 -3.45
CA LEU A 251 33.60 12.98 -4.56
C LEU A 251 32.81 11.69 -4.46
N ILE A 252 31.54 11.76 -4.81
CA ILE A 252 30.64 10.61 -4.83
C ILE A 252 30.30 10.63 -6.31
N ALA A 253 31.17 10.05 -7.12
CA ALA A 253 31.06 10.04 -8.58
C ALA A 253 29.82 9.49 -9.24
N PRO A 254 29.46 10.07 -10.38
CA PRO A 254 28.29 9.64 -11.14
C PRO A 254 28.65 8.37 -11.88
N ARG A 255 27.66 7.69 -12.44
CA ARG A 255 27.92 6.46 -13.18
C ARG A 255 27.42 6.59 -14.59
N GLY A 256 26.62 7.58 -14.87
CA GLY A 256 26.14 7.74 -16.21
C GLY A 256 25.25 8.94 -16.22
N TYR A 257 24.27 8.95 -17.10
CA TYR A 257 23.38 10.08 -17.13
C TYR A 257 22.01 9.54 -17.28
N PHE A 258 21.02 10.28 -16.79
CA PHE A 258 19.62 9.92 -16.95
C PHE A 258 19.24 10.68 -18.23
N LYS A 259 18.37 10.13 -19.06
CA LYS A 259 17.94 10.86 -20.25
C LYS A 259 16.83 11.81 -19.84
N MET A 260 16.78 12.98 -20.45
CA MET A 260 15.73 13.94 -20.14
C MET A 260 14.68 14.10 -21.23
N ARG A 261 13.42 14.16 -20.82
CA ARG A 261 12.30 14.31 -21.75
C ARG A 261 11.46 15.46 -21.26
N THR A 262 10.67 16.03 -22.14
CA THR A 262 9.77 17.13 -21.81
C THR A 262 8.47 16.52 -22.21
N GLY A 263 7.53 16.41 -21.30
CA GLY A 263 6.27 15.81 -21.67
C GLY A 263 5.17 16.31 -20.78
N LYS A 264 4.17 15.48 -20.54
CA LYS A 264 3.07 15.89 -19.70
C LYS A 264 3.20 15.31 -18.29
N SER A 265 4.41 14.98 -17.87
CA SER A 265 4.59 14.37 -16.56
C SER A 265 4.73 15.31 -15.39
N SER A 266 4.56 14.72 -14.21
CA SER A 266 4.66 15.41 -12.92
C SER A 266 4.51 14.41 -11.80
N ILE A 267 4.56 14.91 -10.57
CA ILE A 267 4.52 14.09 -9.36
C ILE A 267 3.45 14.64 -8.46
N MET A 268 2.85 13.80 -7.60
CA MET A 268 1.75 14.19 -6.70
C MET A 268 1.89 13.55 -5.34
N ARG A 269 1.78 14.31 -4.26
CA ARG A 269 1.89 13.72 -2.92
C ARG A 269 0.48 13.26 -2.55
N SER A 270 0.27 11.94 -2.46
CA SER A 270 -1.06 11.42 -2.15
C SER A 270 -1.08 10.05 -1.50
N ASP A 271 -2.04 9.88 -0.58
CA ASP A 271 -2.21 8.63 0.14
C ASP A 271 -3.50 7.94 -0.35
N ALA A 272 -3.92 8.28 -1.56
CA ALA A 272 -5.17 7.71 -2.07
C ALA A 272 -4.85 6.35 -2.70
N PRO A 273 -5.75 5.36 -2.55
CA PRO A 273 -5.55 4.02 -3.10
C PRO A 273 -5.76 4.14 -4.58
N ILE A 274 -4.86 3.57 -5.37
CA ILE A 274 -5.04 3.60 -6.81
C ILE A 274 -6.01 2.44 -7.07
N ASP A 275 -6.79 2.56 -8.14
CA ASP A 275 -7.78 1.58 -8.50
C ASP A 275 -7.85 1.52 -10.00
N THR A 276 -8.60 0.55 -10.50
CA THR A 276 -8.76 0.36 -11.93
C THR A 276 -10.04 1.02 -12.40
N CYS A 277 -9.92 2.15 -13.07
CA CYS A 277 -11.08 2.86 -13.60
C CYS A 277 -10.57 3.95 -14.51
N ILE A 278 -11.46 4.74 -15.06
CA ILE A 278 -10.99 5.78 -15.95
C ILE A 278 -11.40 7.12 -15.42
N SER A 279 -10.46 8.05 -15.46
CA SER A 279 -10.69 9.42 -15.02
C SER A 279 -9.55 10.32 -15.46
N GLU A 280 -9.83 11.33 -16.28
CA GLU A 280 -8.77 12.22 -16.71
C GLU A 280 -8.27 13.02 -15.51
N CYS A 281 -9.19 13.60 -14.77
CA CYS A 281 -8.82 14.41 -13.63
C CYS A 281 -8.52 13.63 -12.38
N ILE A 282 -7.32 13.85 -11.85
CA ILE A 282 -6.82 13.21 -10.64
C ILE A 282 -6.54 14.37 -9.69
N THR A 283 -6.95 14.25 -8.43
CA THR A 283 -6.59 15.27 -7.43
C THR A 283 -6.09 14.41 -6.27
N PRO A 284 -5.25 14.94 -5.37
CA PRO A 284 -4.75 14.19 -4.22
C PRO A 284 -5.83 13.46 -3.43
N ASN A 285 -7.07 13.94 -3.53
CA ASN A 285 -8.21 13.36 -2.81
C ASN A 285 -8.78 12.15 -3.52
N GLY A 286 -8.19 11.82 -4.66
CA GLY A 286 -8.67 10.74 -5.50
C GLY A 286 -9.13 11.39 -6.81
N SER A 287 -9.49 10.60 -7.82
CA SER A 287 -9.94 11.14 -9.09
C SER A 287 -11.28 11.82 -8.86
N ILE A 288 -11.63 12.73 -9.77
CA ILE A 288 -12.89 13.46 -9.71
C ILE A 288 -13.35 13.67 -11.12
N PRO A 289 -14.66 13.66 -11.35
CA PRO A 289 -15.18 13.85 -12.72
C PRO A 289 -15.07 15.27 -13.29
N ASN A 290 -14.50 15.37 -14.48
CA ASN A 290 -14.35 16.66 -15.11
C ASN A 290 -15.50 17.14 -15.98
N ASP A 291 -16.73 16.90 -15.56
CA ASP A 291 -17.88 17.33 -16.37
C ASP A 291 -18.29 18.80 -16.11
N LYS A 292 -18.38 19.20 -14.84
CA LYS A 292 -18.74 20.56 -14.43
C LYS A 292 -17.56 21.46 -14.65
N PRO A 293 -17.79 22.79 -14.82
CA PRO A 293 -16.67 23.73 -15.04
C PRO A 293 -15.71 23.98 -13.88
N PHE A 294 -16.20 23.96 -12.64
CA PHE A 294 -15.35 24.25 -11.50
C PHE A 294 -15.35 23.07 -10.52
N GLN A 295 -14.41 23.04 -9.57
CA GLN A 295 -14.34 21.96 -8.57
C GLN A 295 -13.89 22.53 -7.24
N ASN A 296 -14.31 21.96 -6.14
CA ASN A 296 -13.95 22.46 -4.83
C ASN A 296 -13.27 21.35 -4.02
N VAL A 297 -12.68 20.38 -4.71
CA VAL A 297 -12.05 19.31 -4.04
C VAL A 297 -10.69 19.64 -3.57
N ASN A 298 -9.81 20.05 -4.46
CA ASN A 298 -8.41 20.36 -4.06
C ASN A 298 -7.80 21.31 -5.07
N LYS A 299 -6.89 22.16 -4.64
CA LYS A 299 -6.35 23.11 -5.59
C LYS A 299 -5.27 22.48 -6.38
N ILE A 300 -4.86 21.31 -5.97
CA ILE A 300 -3.80 20.57 -6.66
C ILE A 300 -4.44 19.64 -7.67
N THR A 301 -4.15 19.77 -8.95
CA THR A 301 -4.80 18.87 -9.89
C THR A 301 -3.84 18.46 -10.98
N TYR A 302 -4.19 17.37 -11.68
CA TYR A 302 -3.41 16.84 -12.79
C TYR A 302 -4.32 16.27 -13.88
N GLY A 303 -4.12 16.72 -15.11
CA GLY A 303 -4.91 16.26 -16.24
C GLY A 303 -5.99 17.25 -16.62
N ALA A 304 -7.04 16.79 -17.29
CA ALA A 304 -8.12 17.65 -17.67
C ALA A 304 -9.03 17.87 -16.49
N CYS A 305 -8.82 18.95 -15.72
CA CYS A 305 -9.65 19.21 -14.54
C CYS A 305 -10.43 20.50 -14.53
N PRO A 306 -11.49 20.57 -13.71
CA PRO A 306 -12.30 21.79 -13.62
C PRO A 306 -11.47 22.81 -12.80
N LYS A 307 -11.78 24.08 -12.93
CA LYS A 307 -11.06 25.14 -12.20
C LYS A 307 -11.38 25.10 -10.70
N TYR A 308 -10.37 25.21 -9.86
CA TYR A 308 -10.59 25.18 -8.44
C TYR A 308 -11.08 26.54 -8.00
N VAL A 309 -12.15 26.55 -7.20
CA VAL A 309 -12.76 27.75 -6.69
C VAL A 309 -13.15 27.51 -5.24
N LYS A 310 -13.24 28.59 -4.50
CA LYS A 310 -13.57 28.54 -3.09
C LYS A 310 -14.99 28.07 -2.80
N GLN A 311 -15.93 28.32 -3.71
CA GLN A 311 -17.32 27.96 -3.50
C GLN A 311 -17.52 26.47 -3.45
N ASN A 312 -18.61 26.05 -2.83
CA ASN A 312 -18.93 24.63 -2.68
C ASN A 312 -20.14 24.23 -3.53
N THR A 313 -20.95 25.22 -3.85
CA THR A 313 -22.12 24.97 -4.67
C THR A 313 -22.31 26.19 -5.53
N LEU A 314 -22.70 25.99 -6.79
CA LEU A 314 -22.98 27.05 -7.76
C LEU A 314 -23.98 26.52 -8.77
N LYS A 315 -25.27 26.80 -8.52
CA LYS A 315 -26.35 26.32 -9.37
C LYS A 315 -26.59 27.23 -10.56
N LEU A 316 -26.59 26.66 -11.76
CA LEU A 316 -26.82 27.41 -13.00
C LEU A 316 -28.28 27.16 -13.28
N ALA A 317 -29.07 28.21 -13.32
CA ALA A 317 -30.48 28.04 -13.57
C ALA A 317 -30.63 27.41 -14.93
N THR A 318 -31.49 26.40 -15.04
CA THR A 318 -31.75 25.77 -16.35
C THR A 318 -33.23 25.77 -16.64
N GLY A 319 -33.96 26.69 -16.03
CA GLY A 319 -35.39 26.79 -16.27
C GLY A 319 -35.92 28.14 -15.81
N MET A 320 -37.14 28.44 -16.21
CA MET A 320 -37.80 29.70 -15.88
C MET A 320 -38.10 29.75 -14.42
N ARG A 321 -38.53 30.94 -13.97
CA ARG A 321 -38.91 31.13 -12.59
C ARG A 321 -40.01 30.15 -12.31
N ASN A 322 -40.15 29.77 -11.05
CA ASN A 322 -41.16 28.78 -10.66
C ASN A 322 -42.12 29.52 -9.80
N VAL A 323 -43.30 29.80 -10.35
CA VAL A 323 -44.33 30.51 -9.63
C VAL A 323 -45.52 29.59 -9.45
N PRO A 324 -45.59 28.91 -8.31
CA PRO A 324 -46.68 27.98 -8.00
C PRO A 324 -47.99 28.73 -7.85
N GLU A 325 -49.11 28.03 -7.66
CA GLU A 325 -50.39 28.70 -7.48
C GLU A 325 -50.48 29.16 -6.03
N LYS A 326 -49.35 29.59 -5.47
CA LYS A 326 -49.28 30.08 -4.10
C LYS A 326 -50.12 31.35 -4.08
N GLN A 327 -50.22 31.96 -5.24
CA GLN A 327 -50.99 33.16 -5.48
C GLN A 327 -51.45 33.06 -6.93
N GLY B 1 -39.51 39.05 -14.79
CA GLY B 1 -38.18 39.53 -15.22
C GLY B 1 -38.41 40.79 -16.00
N LEU B 2 -37.47 41.14 -16.87
CA LEU B 2 -37.62 42.35 -17.65
C LEU B 2 -38.94 42.44 -18.39
N PHE B 3 -39.56 41.30 -18.68
CA PHE B 3 -40.74 41.36 -19.52
C PHE B 3 -42.06 41.41 -18.87
N GLY B 4 -42.07 41.26 -17.56
CA GLY B 4 -43.32 41.35 -16.82
C GLY B 4 -44.39 40.34 -17.14
N ALA B 5 -44.05 39.21 -17.78
CA ALA B 5 -45.06 38.21 -18.07
C ALA B 5 -45.06 37.16 -16.96
N ILE B 6 -43.98 36.38 -16.85
CA ILE B 6 -43.87 35.36 -15.80
C ILE B 6 -43.61 36.09 -14.47
N ALA B 7 -44.40 35.80 -13.45
CA ALA B 7 -44.27 36.47 -12.13
C ALA B 7 -44.47 37.96 -12.39
N GLY B 8 -45.60 38.23 -13.06
CA GLY B 8 -46.01 39.57 -13.44
C GLY B 8 -47.46 39.50 -13.86
N PHE B 9 -47.79 39.87 -15.09
CA PHE B 9 -49.16 39.80 -15.52
C PHE B 9 -49.75 38.38 -15.59
N ILE B 10 -48.89 37.36 -15.56
CA ILE B 10 -49.35 35.98 -15.55
C ILE B 10 -49.18 35.54 -14.10
N GLU B 11 -50.29 35.58 -13.37
CA GLU B 11 -50.39 35.22 -11.96
C GLU B 11 -49.44 34.18 -11.38
N ASN B 12 -49.61 32.95 -11.83
CA ASN B 12 -48.81 31.83 -11.36
C ASN B 12 -48.62 30.85 -12.51
N GLY B 13 -48.01 29.71 -12.23
CA GLY B 13 -47.78 28.73 -13.27
C GLY B 13 -48.52 27.41 -13.10
N TRP B 14 -48.58 26.63 -14.18
CA TRP B 14 -49.25 25.35 -14.17
C TRP B 14 -48.40 24.12 -13.93
N GLU B 15 -48.50 23.56 -12.73
CA GLU B 15 -47.80 22.31 -12.40
C GLU B 15 -48.46 21.22 -13.22
N GLY B 16 -49.67 21.51 -13.69
CA GLY B 16 -50.43 20.57 -14.50
C GLY B 16 -49.93 20.41 -15.93
N MET B 17 -49.30 21.47 -16.47
CA MET B 17 -48.78 21.38 -17.81
C MET B 17 -47.43 20.69 -17.74
N ILE B 18 -47.44 19.41 -18.06
CA ILE B 18 -46.24 18.60 -18.00
C ILE B 18 -45.68 18.18 -19.37
N ASP B 19 -46.32 18.62 -20.46
CA ASP B 19 -45.88 18.28 -21.82
C ASP B 19 -45.23 19.48 -22.53
N GLY B 20 -44.96 20.54 -21.77
CA GLY B 20 -44.38 21.73 -22.36
C GLY B 20 -44.08 22.76 -21.29
N TRP B 21 -43.49 23.88 -21.69
CA TRP B 21 -43.12 24.92 -20.75
C TRP B 21 -44.09 26.06 -20.86
N TYR B 22 -44.65 26.17 -22.04
CA TYR B 22 -45.58 27.22 -22.30
C TYR B 22 -46.74 26.55 -23.02
N GLY B 23 -47.92 27.14 -22.94
CA GLY B 23 -49.05 26.53 -23.61
C GLY B 23 -50.30 27.35 -23.43
N PHE B 24 -51.44 26.68 -23.64
CA PHE B 24 -52.73 27.33 -23.51
C PHE B 24 -53.73 26.55 -22.66
N ARG B 25 -54.75 27.27 -22.21
CA ARG B 25 -55.83 26.68 -21.45
C ARG B 25 -57.02 27.43 -21.97
N HIS B 26 -58.15 26.77 -22.13
CA HIS B 26 -59.30 27.47 -22.67
C HIS B 26 -60.62 26.95 -22.15
N GLN B 27 -61.67 27.73 -22.40
CA GLN B 27 -63.03 27.39 -22.01
C GLN B 27 -63.95 27.93 -23.07
N ASN B 28 -64.68 27.03 -23.72
CA ASN B 28 -65.63 27.49 -24.71
C ASN B 28 -67.02 27.01 -24.32
N SER B 29 -67.95 26.99 -25.25
CA SER B 29 -69.30 26.55 -24.96
C SER B 29 -69.35 25.11 -24.42
N GLU B 30 -68.67 24.19 -25.11
CA GLU B 30 -68.64 22.77 -24.74
C GLU B 30 -67.74 22.35 -23.59
N GLY B 31 -66.72 23.15 -23.27
CA GLY B 31 -65.88 22.77 -22.15
C GLY B 31 -64.58 23.53 -21.96
N THR B 32 -63.62 22.83 -21.37
CA THR B 32 -62.33 23.37 -21.08
C THR B 32 -61.32 22.43 -21.71
N GLY B 33 -60.07 22.86 -21.75
CA GLY B 33 -59.00 22.05 -22.33
C GLY B 33 -57.66 22.75 -22.12
N GLN B 34 -56.57 22.06 -22.46
CA GLN B 34 -55.23 22.61 -22.28
C GLN B 34 -54.25 21.93 -23.23
N ALA B 35 -53.20 22.65 -23.63
CA ALA B 35 -52.19 22.09 -24.54
C ALA B 35 -50.94 22.96 -24.60
N ALA B 36 -49.77 22.31 -24.54
CA ALA B 36 -48.45 22.95 -24.57
C ALA B 36 -48.04 23.42 -25.96
N ASP B 37 -47.33 24.55 -25.99
CA ASP B 37 -46.83 25.13 -27.23
C ASP B 37 -45.44 24.54 -27.42
N LEU B 38 -45.14 23.95 -28.56
CA LEU B 38 -43.81 23.38 -28.71
C LEU B 38 -42.76 24.39 -29.08
N LYS B 39 -43.08 25.26 -30.04
CA LYS B 39 -42.16 26.30 -30.51
C LYS B 39 -41.48 27.10 -29.37
N SER B 40 -42.25 27.88 -28.61
CA SER B 40 -41.70 28.66 -27.53
C SER B 40 -40.95 27.75 -26.58
N THR B 41 -41.50 26.59 -26.31
CA THR B 41 -40.85 25.65 -25.43
C THR B 41 -39.46 25.27 -25.95
N GLN B 42 -39.34 25.04 -27.25
CA GLN B 42 -38.04 24.68 -27.79
C GLN B 42 -37.09 25.88 -27.83
N ALA B 43 -37.60 27.09 -28.06
CA ALA B 43 -36.74 28.28 -28.07
C ALA B 43 -36.04 28.40 -26.72
N ALA B 44 -36.82 28.26 -25.65
CA ALA B 44 -36.31 28.36 -24.30
C ALA B 44 -35.33 27.27 -24.07
N ILE B 45 -35.75 26.04 -24.31
CA ILE B 45 -34.88 24.89 -24.10
C ILE B 45 -33.59 25.02 -24.91
N ASP B 46 -33.72 25.35 -26.19
CA ASP B 46 -32.56 25.54 -27.06
C ASP B 46 -31.55 26.59 -26.55
N GLN B 47 -32.01 27.78 -26.17
CA GLN B 47 -31.12 28.83 -25.66
C GLN B 47 -30.43 28.43 -24.40
N ILE B 48 -31.17 27.85 -23.47
CA ILE B 48 -30.59 27.39 -22.22
C ILE B 48 -29.58 26.25 -22.48
N ASN B 49 -29.88 25.38 -23.44
CA ASN B 49 -28.95 24.30 -23.75
C ASN B 49 -27.68 24.88 -24.38
N GLY B 50 -27.82 25.90 -25.21
CA GLY B 50 -26.65 26.51 -25.85
C GLY B 50 -25.75 27.06 -24.76
N LYS B 51 -26.36 27.82 -23.87
CA LYS B 51 -25.72 28.45 -22.73
C LYS B 51 -25.04 27.40 -21.88
N LEU B 52 -25.74 26.29 -21.66
CA LEU B 52 -25.27 25.15 -20.88
C LEU B 52 -24.01 24.51 -21.50
N ASN B 53 -23.95 24.46 -22.83
CA ASN B 53 -22.81 23.90 -23.52
C ASN B 53 -21.56 24.75 -23.31
N ARG B 54 -21.67 26.06 -23.59
CA ARG B 54 -20.54 26.94 -23.41
C ARG B 54 -19.90 26.73 -22.03
N VAL B 55 -20.71 26.64 -20.99
CA VAL B 55 -20.18 26.43 -19.65
C VAL B 55 -19.65 25.02 -19.46
N ILE B 56 -20.54 24.04 -19.55
CA ILE B 56 -20.18 22.65 -19.31
C ILE B 56 -19.17 21.94 -20.21
N GLU B 57 -18.40 21.05 -19.58
CA GLU B 57 -17.38 20.25 -20.26
C GLU B 57 -16.45 21.06 -21.18
N LYS B 58 -15.64 21.94 -20.62
CA LYS B 58 -14.72 22.74 -21.45
C LYS B 58 -13.37 22.89 -20.76
N THR B 59 -13.08 21.95 -19.87
CA THR B 59 -11.87 21.95 -19.07
C THR B 59 -10.52 22.07 -19.79
N ASN B 60 -9.63 22.82 -19.18
CA ASN B 60 -8.27 23.01 -19.68
C ASN B 60 -7.59 21.70 -19.31
N GLU B 61 -6.32 21.58 -19.67
CA GLU B 61 -5.55 20.43 -19.30
C GLU B 61 -4.24 21.02 -18.84
N LYS B 62 -3.88 20.75 -17.61
CA LYS B 62 -2.62 21.24 -17.05
C LYS B 62 -1.89 20.01 -16.49
N PHE B 63 -0.57 20.01 -16.53
CA PHE B 63 0.18 18.90 -16.02
C PHE B 63 1.09 19.33 -14.87
N HIS B 64 2.39 19.51 -15.12
CA HIS B 64 3.27 19.90 -14.01
C HIS B 64 3.18 21.40 -13.79
N GLN B 65 2.84 21.81 -12.59
CA GLN B 65 2.66 23.22 -12.21
C GLN B 65 3.60 23.52 -11.04
N ILE B 66 3.15 24.32 -10.07
CA ILE B 66 4.00 24.64 -8.94
C ILE B 66 3.48 23.83 -7.77
N GLU B 67 4.22 23.83 -6.67
CA GLU B 67 3.79 23.10 -5.52
C GLU B 67 2.83 24.00 -4.77
N LYS B 68 1.94 23.41 -3.98
CA LYS B 68 0.97 24.24 -3.29
C LYS B 68 0.80 23.93 -1.82
N GLU B 69 1.51 22.93 -1.32
CA GLU B 69 1.44 22.58 0.08
C GLU B 69 2.87 22.45 0.52
N PHE B 70 3.14 22.83 1.75
CA PHE B 70 4.51 22.80 2.22
C PHE B 70 4.70 22.18 3.60
N SER B 71 5.81 21.45 3.72
CA SER B 71 6.22 20.75 4.94
C SER B 71 6.98 21.63 5.91
N GLU B 72 7.84 22.52 5.42
CA GLU B 72 8.60 23.42 6.29
C GLU B 72 8.42 24.87 5.93
N VAL B 73 8.66 25.73 6.91
CA VAL B 73 8.58 27.18 6.78
C VAL B 73 9.82 27.55 5.99
N GLU B 74 9.64 28.38 4.99
CA GLU B 74 10.76 28.76 4.14
C GLU B 74 10.96 30.23 3.93
N GLY B 75 9.88 30.97 3.81
CA GLY B 75 10.07 32.38 3.62
C GLY B 75 9.70 32.96 2.26
N ARG B 76 10.55 33.85 1.77
CA ARG B 76 10.29 34.60 0.58
C ARG B 76 9.66 33.90 -0.63
N ILE B 77 10.18 32.74 -1.03
CA ILE B 77 9.64 32.02 -2.19
C ILE B 77 8.33 31.34 -1.88
N GLN B 78 8.24 30.56 -0.82
CA GLN B 78 6.97 29.91 -0.49
C GLN B 78 5.87 30.96 -0.30
N ASP B 79 6.21 32.15 0.21
CA ASP B 79 5.23 33.24 0.39
C ASP B 79 4.70 33.55 -0.97
N LEU B 80 5.64 33.80 -1.88
CA LEU B 80 5.27 34.14 -3.23
C LEU B 80 4.50 32.99 -3.87
N GLU B 81 4.99 31.74 -3.74
CA GLU B 81 4.32 30.55 -4.29
C GLU B 81 2.90 30.45 -3.77
N LYS B 82 2.70 30.77 -2.51
CA LYS B 82 1.36 30.73 -1.95
C LYS B 82 0.54 31.92 -2.44
N TYR B 83 1.13 33.10 -2.53
CA TYR B 83 0.42 34.29 -2.98
C TYR B 83 -0.05 34.08 -4.41
N VAL B 84 0.82 33.61 -5.32
CA VAL B 84 0.40 33.33 -6.70
C VAL B 84 -0.86 32.43 -6.74
N GLU B 85 -0.80 31.27 -6.12
CA GLU B 85 -1.96 30.41 -6.14
C GLU B 85 -3.17 31.03 -5.50
N ASP B 86 -3.01 31.64 -4.33
CA ASP B 86 -4.17 32.23 -3.65
C ASP B 86 -4.84 33.28 -4.51
N THR B 87 -4.02 34.12 -5.12
CA THR B 87 -4.47 35.15 -6.02
C THR B 87 -5.24 34.53 -7.20
N LYS B 88 -4.77 33.39 -7.67
CA LYS B 88 -5.39 32.73 -8.80
C LYS B 88 -6.72 32.21 -8.43
N ILE B 89 -6.81 31.53 -7.30
CA ILE B 89 -8.10 30.99 -6.86
C ILE B 89 -9.18 32.07 -6.61
N ASP B 90 -8.81 33.21 -6.02
CA ASP B 90 -9.83 34.26 -5.82
C ASP B 90 -10.33 34.85 -7.16
N LEU B 91 -9.43 35.09 -8.11
CA LEU B 91 -9.88 35.63 -9.39
C LEU B 91 -10.78 34.62 -10.07
N TRP B 92 -10.45 33.32 -9.97
CA TRP B 92 -11.33 32.27 -10.55
C TRP B 92 -12.64 32.19 -9.76
N SER B 93 -12.60 32.36 -8.44
CA SER B 93 -13.85 32.29 -7.68
C SER B 93 -14.69 33.49 -8.06
N TYR B 94 -14.09 34.64 -8.34
CA TYR B 94 -14.88 35.80 -8.76
C TYR B 94 -15.53 35.44 -10.11
N ASN B 95 -14.72 34.84 -10.99
CA ASN B 95 -15.22 34.45 -12.28
C ASN B 95 -16.46 33.55 -12.21
N ALA B 96 -16.42 32.55 -11.35
CA ALA B 96 -17.55 31.62 -11.22
C ALA B 96 -18.77 32.29 -10.68
N GLU B 97 -18.61 32.98 -9.57
CA GLU B 97 -19.72 33.66 -8.95
C GLU B 97 -20.45 34.57 -9.95
N LEU B 98 -19.71 35.48 -10.59
CA LEU B 98 -20.28 36.41 -11.57
C LEU B 98 -20.98 35.76 -12.74
N LEU B 99 -20.41 34.68 -13.26
CA LEU B 99 -20.99 33.96 -14.38
C LEU B 99 -22.35 33.41 -14.03
N VAL B 100 -22.46 32.76 -12.88
CA VAL B 100 -23.76 32.21 -12.49
C VAL B 100 -24.76 33.35 -12.28
N ALA B 101 -24.31 34.44 -11.65
CA ALA B 101 -25.21 35.55 -11.47
C ALA B 101 -25.71 36.09 -12.82
N LEU B 102 -24.81 36.49 -13.71
CA LEU B 102 -25.19 37.01 -15.02
C LEU B 102 -25.95 35.96 -15.80
N GLU B 103 -25.48 34.72 -15.79
CA GLU B 103 -26.20 33.65 -16.52
C GLU B 103 -27.65 33.51 -16.04
N ASN B 104 -27.85 33.43 -14.73
CA ASN B 104 -29.17 33.27 -14.16
C ASN B 104 -30.10 34.42 -14.37
N GLN B 105 -29.58 35.64 -14.32
CA GLN B 105 -30.39 36.84 -14.55
C GLN B 105 -30.83 36.71 -15.97
N HIS B 106 -29.89 36.32 -16.83
CA HIS B 106 -30.20 36.18 -18.24
C HIS B 106 -31.20 35.09 -18.58
N THR B 107 -31.10 33.91 -17.98
CA THR B 107 -32.05 32.83 -18.24
C THR B 107 -33.45 33.22 -17.82
N ILE B 108 -33.57 33.90 -16.69
CA ILE B 108 -34.86 34.35 -16.17
C ILE B 108 -35.49 35.39 -17.11
N ASP B 109 -34.74 36.43 -17.47
CA ASP B 109 -35.28 37.44 -18.38
C ASP B 109 -35.61 36.83 -19.75
N LEU B 110 -34.80 35.88 -20.18
CA LEU B 110 -35.02 35.20 -21.44
C LEU B 110 -36.31 34.44 -21.42
N THR B 111 -36.48 33.51 -20.48
CA THR B 111 -37.71 32.72 -20.45
C THR B 111 -38.92 33.62 -20.26
N ASP B 112 -38.72 34.80 -19.67
CA ASP B 112 -39.82 35.75 -19.44
C ASP B 112 -40.21 36.19 -20.82
N SER B 113 -39.21 36.56 -21.59
CA SER B 113 -39.38 37.02 -22.95
C SER B 113 -40.14 36.06 -23.83
N GLU B 114 -39.82 34.77 -23.74
CA GLU B 114 -40.49 33.75 -24.55
C GLU B 114 -41.94 33.60 -24.14
N MET B 115 -42.30 33.87 -22.90
CA MET B 115 -43.72 33.72 -22.55
C MET B 115 -44.42 34.83 -23.31
N ASN B 116 -44.02 36.04 -22.99
CA ASN B 116 -44.53 37.25 -23.58
C ASN B 116 -44.56 37.18 -25.10
N LYS B 117 -43.54 36.60 -25.73
CA LYS B 117 -43.56 36.50 -27.19
C LYS B 117 -44.77 35.72 -27.63
N LEU B 118 -45.03 34.59 -26.96
CA LEU B 118 -46.15 33.76 -27.32
C LEU B 118 -47.41 34.58 -27.24
N PHE B 119 -47.50 35.32 -26.14
CA PHE B 119 -48.64 36.17 -25.85
C PHE B 119 -48.85 37.16 -26.98
N GLU B 120 -47.80 37.84 -27.43
CA GLU B 120 -47.95 38.78 -28.53
C GLU B 120 -48.21 38.11 -29.87
N LYS B 121 -47.79 36.86 -30.02
CA LYS B 121 -48.03 36.11 -31.27
C LYS B 121 -49.52 35.84 -31.34
N THR B 122 -50.06 35.37 -30.21
CA THR B 122 -51.48 35.07 -30.11
C THR B 122 -52.29 36.34 -30.22
N ARG B 123 -51.92 37.37 -29.45
CA ARG B 123 -52.64 38.66 -29.51
C ARG B 123 -52.80 39.15 -30.97
N ARG B 124 -51.72 39.07 -31.72
CA ARG B 124 -51.74 39.50 -33.11
C ARG B 124 -52.58 38.61 -34.03
N GLN B 125 -52.72 37.32 -33.72
CA GLN B 125 -53.52 36.41 -34.55
C GLN B 125 -54.98 36.73 -34.39
N LEU B 126 -55.39 36.97 -33.15
CA LEU B 126 -56.74 37.28 -32.77
C LEU B 126 -57.33 38.62 -33.26
N ARG B 127 -56.54 39.46 -33.92
CA ARG B 127 -57.01 40.75 -34.43
C ARG B 127 -58.10 41.45 -33.65
N GLU B 128 -59.26 41.70 -34.26
CA GLU B 128 -60.34 42.41 -33.55
C GLU B 128 -61.38 41.44 -32.98
N ASN B 129 -61.00 40.18 -32.96
CA ASN B 129 -61.88 39.14 -32.48
C ASN B 129 -61.75 38.87 -31.03
N ALA B 130 -60.80 39.51 -30.36
CA ALA B 130 -60.62 39.26 -28.95
C ALA B 130 -60.10 40.44 -28.18
N GLU B 131 -60.38 40.47 -26.89
CA GLU B 131 -59.89 41.54 -26.04
C GLU B 131 -59.12 40.93 -24.88
N GLU B 132 -58.06 41.61 -24.45
CA GLU B 132 -57.26 41.10 -23.34
C GLU B 132 -57.75 41.39 -21.94
N MET B 133 -57.87 40.34 -21.16
CA MET B 133 -58.30 40.50 -19.80
C MET B 133 -57.18 41.08 -18.95
N GLY B 134 -55.95 40.69 -19.25
CA GLY B 134 -54.81 41.23 -18.51
C GLY B 134 -54.19 40.31 -17.50
N ASN B 135 -54.62 39.05 -17.47
CA ASN B 135 -54.11 38.03 -16.56
C ASN B 135 -53.58 36.93 -17.44
N GLY B 136 -53.24 37.29 -18.68
CA GLY B 136 -52.73 36.32 -19.61
C GLY B 136 -53.81 35.74 -20.49
N CYS B 137 -55.07 36.15 -20.27
CA CYS B 137 -56.20 35.62 -21.05
C CYS B 137 -56.80 36.60 -22.02
N PHE B 138 -57.25 36.06 -23.15
CA PHE B 138 -57.92 36.82 -24.19
C PHE B 138 -59.37 36.39 -24.10
N LYS B 139 -60.29 37.32 -24.21
CA LYS B 139 -61.68 36.94 -24.19
C LYS B 139 -62.09 36.99 -25.64
N ILE B 140 -62.24 35.81 -26.24
CA ILE B 140 -62.64 35.64 -27.64
C ILE B 140 -64.15 35.93 -27.75
N TYR B 141 -64.48 36.99 -28.46
CA TYR B 141 -65.85 37.42 -28.62
C TYR B 141 -66.61 36.76 -29.73
N HIS B 142 -66.59 35.44 -29.77
CA HIS B 142 -67.30 34.70 -30.80
C HIS B 142 -67.18 33.26 -30.39
N LYS B 143 -68.04 32.42 -30.95
CA LYS B 143 -68.01 31.01 -30.62
C LYS B 143 -66.74 30.37 -31.16
N CYS B 144 -66.01 29.68 -30.29
CA CYS B 144 -64.76 29.06 -30.71
C CYS B 144 -64.66 27.66 -30.10
N ASP B 145 -65.10 26.65 -30.84
CA ASP B 145 -65.04 25.27 -30.37
C ASP B 145 -63.59 24.80 -30.27
N ASN B 146 -63.36 23.61 -29.75
CA ASN B 146 -61.99 23.15 -29.61
C ASN B 146 -61.19 23.18 -30.92
N ALA B 147 -61.84 23.02 -32.07
CA ALA B 147 -61.10 23.05 -33.34
C ALA B 147 -60.72 24.45 -33.64
N CYS B 148 -61.57 25.38 -33.23
CA CYS B 148 -61.29 26.77 -33.44
C CYS B 148 -60.09 27.12 -32.54
N ILE B 149 -60.17 26.71 -31.27
CA ILE B 149 -59.12 26.97 -30.31
C ILE B 149 -57.82 26.37 -30.84
N GLU B 150 -57.89 25.22 -31.47
CA GLU B 150 -56.65 24.62 -31.98
C GLU B 150 -56.06 25.41 -33.11
N SER B 151 -56.90 25.92 -34.02
CA SER B 151 -56.39 26.70 -35.15
C SER B 151 -55.54 27.85 -34.66
N ILE B 152 -55.91 28.40 -33.52
CA ILE B 152 -55.15 29.48 -32.91
C ILE B 152 -53.83 28.85 -32.43
N ARG B 153 -53.94 27.83 -31.60
CA ARG B 153 -52.77 27.16 -31.08
C ARG B 153 -51.74 26.83 -32.16
N ASN B 154 -52.20 26.39 -33.33
CA ASN B 154 -51.24 26.11 -34.41
C ASN B 154 -51.16 27.15 -35.52
N GLY B 155 -51.44 28.38 -35.12
CA GLY B 155 -51.37 29.54 -35.98
C GLY B 155 -52.09 29.59 -37.32
N THR B 156 -53.14 28.80 -37.52
CA THR B 156 -53.86 28.84 -38.77
C THR B 156 -55.22 29.54 -38.63
N TYR B 157 -55.44 30.16 -37.48
CA TYR B 157 -56.69 30.88 -37.22
C TYR B 157 -56.89 32.02 -38.20
N ASP B 158 -57.99 32.01 -38.95
CA ASP B 158 -58.28 33.08 -39.92
C ASP B 158 -59.26 34.03 -39.29
N HIS B 159 -58.80 35.22 -38.95
CA HIS B 159 -59.71 36.14 -38.28
C HIS B 159 -60.78 36.77 -39.17
N ASP B 160 -60.64 36.73 -40.49
CA ASP B 160 -61.68 37.32 -41.34
C ASP B 160 -62.96 36.48 -41.22
N VAL B 161 -62.79 35.17 -41.17
CA VAL B 161 -63.89 34.22 -40.98
C VAL B 161 -64.76 34.56 -39.76
N TYR B 162 -64.19 35.07 -38.68
CA TYR B 162 -65.03 35.34 -37.51
C TYR B 162 -65.15 36.81 -37.18
N ARG B 163 -64.72 37.68 -38.09
CA ARG B 163 -64.76 39.12 -37.78
C ARG B 163 -66.11 39.69 -37.41
N ASP B 164 -67.06 39.67 -38.34
CA ASP B 164 -68.39 40.23 -38.05
C ASP B 164 -69.03 39.73 -36.79
N GLU B 165 -68.85 38.45 -36.50
CA GLU B 165 -69.40 37.90 -35.28
C GLU B 165 -68.73 38.56 -34.11
N ALA B 166 -67.41 38.50 -34.07
CA ALA B 166 -66.64 39.09 -32.98
C ALA B 166 -67.00 40.54 -32.75
N LEU B 167 -66.79 41.37 -33.78
CA LEU B 167 -67.09 42.80 -33.70
C LEU B 167 -68.43 43.07 -33.06
N ASN B 168 -69.44 42.39 -33.58
CA ASN B 168 -70.80 42.53 -33.06
C ASN B 168 -70.88 42.41 -31.54
N ASN B 169 -70.36 41.33 -30.98
CA ASN B 169 -70.38 41.11 -29.54
C ASN B 169 -69.48 42.11 -28.80
N ARG B 170 -68.34 42.45 -29.37
CA ARG B 170 -67.48 43.38 -28.67
C ARG B 170 -68.15 44.72 -28.58
N PHE B 171 -69.05 44.97 -29.53
CA PHE B 171 -69.73 46.24 -29.58
C PHE B 171 -71.26 46.14 -29.72
N GLN B 172 -71.87 45.40 -28.79
CA GLN B 172 -73.30 45.15 -28.72
C GLN B 172 -74.00 46.40 -28.27
N ILE B 173 -75.31 46.44 -28.49
CA ILE B 173 -76.12 47.59 -28.10
C ILE B 173 -77.03 47.26 -26.93
N LYS B 174 -77.33 48.24 -26.10
CA LYS B 174 -78.24 48.04 -24.98
C LYS B 174 -79.62 48.15 -25.63
N GLY B 175 -80.06 47.06 -26.24
CA GLY B 175 -81.35 47.03 -26.90
C GLY B 175 -81.85 45.60 -27.07
N GLN C 1 -9.62 -22.74 -5.40
CA GLN C 1 -10.17 -21.91 -6.46
C GLN C 1 -9.22 -21.69 -7.63
N ILE C 2 -7.92 -21.78 -7.39
CA ILE C 2 -6.90 -21.72 -8.46
C ILE C 2 -5.80 -22.39 -7.71
N ILE C 3 -6.06 -23.66 -7.47
CA ILE C 3 -5.19 -24.51 -6.71
C ILE C 3 -3.79 -24.75 -7.30
N LEU C 4 -2.77 -24.37 -6.51
CA LEU C 4 -1.40 -24.53 -6.93
C LEU C 4 -0.85 -25.84 -6.41
N THR C 5 -0.46 -26.70 -7.32
CA THR C 5 0.11 -27.96 -6.91
C THR C 5 1.56 -27.80 -7.20
N GLN C 6 2.22 -27.18 -6.25
CA GLN C 6 3.65 -26.94 -6.32
C GLN C 6 4.12 -28.24 -5.72
N SER C 7 4.85 -29.06 -6.46
CA SER C 7 5.21 -30.30 -5.84
C SER C 7 6.48 -31.07 -5.64
N PRO C 8 7.66 -30.56 -6.02
CA PRO C 8 8.74 -31.48 -5.64
C PRO C 8 8.50 -31.27 -4.13
N ALA C 9 8.03 -32.27 -3.40
CA ALA C 9 7.68 -32.00 -2.01
C ALA C 9 8.86 -31.79 -1.10
N ILE C 10 9.92 -32.58 -1.31
CA ILE C 10 11.13 -32.46 -0.51
C ILE C 10 12.22 -32.49 -1.55
N MET C 11 13.37 -31.89 -1.23
CA MET C 11 14.47 -31.86 -2.15
C MET C 11 15.73 -31.96 -1.33
N SER C 12 16.65 -32.80 -1.81
CA SER C 12 17.94 -32.95 -1.16
C SER C 12 18.90 -32.67 -2.29
N ALA C 13 19.78 -31.70 -2.08
CA ALA C 13 20.74 -31.34 -3.11
C ALA C 13 22.05 -31.01 -2.44
N SER C 14 23.10 -30.98 -3.25
CA SER C 14 24.45 -30.69 -2.80
C SER C 14 24.83 -29.31 -3.31
N PRO C 15 25.79 -28.65 -2.67
CA PRO C 15 26.25 -27.32 -3.08
C PRO C 15 26.53 -27.36 -4.56
N GLY C 16 26.28 -26.25 -5.25
CA GLY C 16 26.52 -26.22 -6.68
C GLY C 16 25.47 -26.92 -7.52
N GLU C 17 24.70 -27.81 -6.89
CA GLU C 17 23.66 -28.55 -7.60
C GLU C 17 22.52 -27.62 -8.08
N LYS C 18 22.18 -27.74 -9.34
CA LYS C 18 21.09 -26.93 -9.85
C LYS C 18 19.84 -27.52 -9.24
N VAL C 19 18.85 -26.67 -9.00
CA VAL C 19 17.59 -27.10 -8.41
C VAL C 19 16.51 -26.43 -9.22
N THR C 20 15.36 -27.07 -9.33
CA THR C 20 14.23 -26.49 -10.06
C THR C 20 12.99 -27.10 -9.43
N MET C 21 12.06 -26.24 -9.05
CA MET C 21 10.82 -26.71 -8.46
C MET C 21 9.68 -26.13 -9.27
N THR C 22 8.67 -26.95 -9.49
CA THR C 22 7.54 -26.56 -10.27
C THR C 22 6.28 -26.36 -9.43
N CYS C 23 5.34 -25.60 -9.99
CA CYS C 23 4.07 -25.29 -9.34
C CYS C 23 3.04 -25.17 -10.47
N SER C 24 1.91 -25.82 -10.30
CA SER C 24 0.87 -25.81 -11.35
C SER C 24 -0.47 -25.30 -10.82
N ALA C 25 -1.08 -24.47 -11.65
CA ALA C 25 -2.40 -23.86 -11.36
C ALA C 25 -3.51 -24.74 -11.95
N SER C 26 -4.62 -24.78 -11.24
CA SER C 26 -5.82 -25.57 -11.64
C SER C 26 -6.78 -24.71 -12.48
N SER C 27 -6.19 -24.01 -13.43
CA SER C 27 -6.87 -23.05 -14.34
C SER C 27 -5.75 -22.26 -15.04
N ASP C 28 -5.82 -20.93 -15.08
CA ASP C 28 -4.73 -20.14 -15.75
C ASP C 28 -4.40 -18.84 -14.97
N ILE C 29 -3.10 -18.57 -14.79
CA ILE C 29 -2.64 -17.34 -14.08
C ILE C 29 -1.64 -16.55 -14.94
N SER C 30 -1.41 -15.31 -14.51
CA SER C 30 -0.55 -14.36 -15.23
C SER C 30 0.85 -14.22 -14.66
N TYR C 31 0.94 -14.31 -13.34
CA TYR C 31 2.22 -14.17 -12.68
C TYR C 31 2.23 -15.12 -11.50
N MET C 32 3.41 -15.61 -11.13
CA MET C 32 3.59 -16.49 -9.97
C MET C 32 4.50 -15.76 -8.98
N HIS C 33 4.19 -15.84 -7.69
CA HIS C 33 5.00 -15.20 -6.68
C HIS C 33 5.54 -16.32 -5.83
N TRP C 34 6.80 -16.21 -5.41
CA TRP C 34 7.43 -17.24 -4.60
C TRP C 34 7.93 -16.65 -3.28
N TYR C 35 7.45 -17.23 -2.18
CA TYR C 35 7.83 -16.79 -0.85
C TYR C 35 8.75 -17.85 -0.30
N GLN C 36 9.84 -17.43 0.32
CA GLN C 36 10.77 -18.36 0.91
C GLN C 36 10.45 -18.40 2.39
N GLN C 37 10.57 -19.56 3.01
CA GLN C 37 10.32 -19.62 4.43
C GLN C 37 11.22 -20.61 5.12
N LYS C 38 12.02 -20.07 6.03
CA LYS C 38 12.94 -20.81 6.84
C LYS C 38 12.20 -20.92 8.16
N SER C 39 12.68 -21.76 9.06
CA SER C 39 11.97 -21.93 10.33
C SER C 39 11.82 -20.75 11.25
N ASP C 40 10.68 -20.75 11.95
CA ASP C 40 10.31 -19.73 12.93
C ASP C 40 10.54 -18.33 12.43
N THR C 41 9.92 -18.03 11.29
CA THR C 41 10.04 -16.75 10.65
C THR C 41 8.90 -16.60 9.63
N SER C 42 8.49 -15.36 9.35
CA SER C 42 7.42 -15.09 8.40
C SER C 42 7.93 -15.23 6.99
N PRO C 43 7.05 -15.63 6.07
CA PRO C 43 7.52 -15.77 4.69
C PRO C 43 8.16 -14.46 4.17
N LYS C 44 9.14 -14.57 3.29
CA LYS C 44 9.79 -13.41 2.68
C LYS C 44 9.48 -13.50 1.19
N ILE C 45 9.17 -12.39 0.54
CA ILE C 45 8.91 -12.43 -0.89
C ILE C 45 10.28 -12.73 -1.53
N TRP C 46 10.34 -13.74 -2.39
CA TRP C 46 11.61 -14.12 -3.02
C TRP C 46 11.64 -13.77 -4.50
N ILE C 47 10.61 -14.18 -5.23
CA ILE C 47 10.49 -13.91 -6.66
C ILE C 47 9.05 -13.52 -6.93
N TYR C 48 8.83 -12.28 -7.36
CA TYR C 48 7.48 -11.86 -7.69
C TYR C 48 7.35 -11.72 -9.22
N ASP C 49 6.11 -11.55 -9.66
CA ASP C 49 5.81 -11.43 -11.07
C ASP C 49 6.51 -12.46 -11.91
N THR C 50 6.49 -13.69 -11.42
CA THR C 50 7.05 -14.84 -12.12
C THR C 50 8.55 -14.92 -12.22
N SER C 51 9.20 -13.83 -12.61
CA SER C 51 10.64 -13.86 -12.80
C SER C 51 11.48 -12.77 -12.15
N LYS C 52 10.85 -11.83 -11.47
CA LYS C 52 11.62 -10.75 -10.88
C LYS C 52 12.03 -11.09 -9.43
N LEU C 53 13.28 -10.80 -9.09
CA LEU C 53 13.79 -11.08 -7.75
C LEU C 53 13.52 -9.93 -6.80
N ALA C 54 13.18 -10.25 -5.56
CA ALA C 54 12.94 -9.25 -4.55
C ALA C 54 14.32 -8.73 -4.10
N SER C 55 14.33 -7.69 -3.29
CA SER C 55 15.60 -7.10 -2.86
C SER C 55 16.47 -8.00 -2.04
N GLY C 56 17.66 -8.29 -2.54
CA GLY C 56 18.56 -9.13 -1.77
C GLY C 56 18.61 -10.58 -2.23
N VAL C 57 17.53 -11.05 -2.84
CA VAL C 57 17.50 -12.42 -3.29
C VAL C 57 18.68 -12.60 -4.22
N PRO C 58 19.64 -13.48 -3.87
CA PRO C 58 20.85 -13.77 -4.65
C PRO C 58 20.53 -14.05 -6.11
N ALA C 59 21.49 -13.83 -6.98
CA ALA C 59 21.26 -14.03 -8.40
C ALA C 59 21.04 -15.48 -8.85
N ARG C 60 21.55 -16.43 -8.06
CA ARG C 60 21.37 -17.85 -8.38
C ARG C 60 19.91 -18.30 -8.44
N PHE C 61 18.99 -17.37 -8.16
CA PHE C 61 17.54 -17.63 -8.21
C PHE C 61 16.93 -17.01 -9.44
N SER C 62 15.89 -17.64 -9.95
CA SER C 62 15.22 -17.18 -11.12
C SER C 62 13.88 -17.87 -11.16
N GLY C 63 12.96 -17.34 -11.96
CA GLY C 63 11.66 -17.95 -12.04
C GLY C 63 11.11 -17.80 -13.43
N SER C 64 10.23 -18.73 -13.80
CA SER C 64 9.60 -18.70 -15.10
C SER C 64 8.31 -19.47 -15.11
N GLY C 65 7.60 -19.36 -16.23
CA GLY C 65 6.32 -20.03 -16.42
C GLY C 65 5.48 -19.04 -17.19
N SER C 66 4.27 -19.43 -17.57
CA SER C 66 3.45 -18.52 -18.32
C SER C 66 2.01 -18.96 -18.43
N GLY C 67 1.75 -20.23 -18.13
CA GLY C 67 0.38 -20.69 -18.24
C GLY C 67 -0.13 -21.35 -16.99
N THR C 68 0.02 -22.68 -16.96
CA THR C 68 -0.41 -23.44 -15.83
C THR C 68 0.84 -23.81 -15.03
N SER C 69 1.87 -24.26 -15.73
CA SER C 69 3.10 -24.62 -15.05
C SER C 69 4.05 -23.44 -14.90
N TYR C 70 4.64 -23.35 -13.71
CA TYR C 70 5.62 -22.33 -13.35
C TYR C 70 6.72 -23.01 -12.56
N SER C 71 7.82 -22.31 -12.34
CA SER C 71 8.91 -22.93 -11.64
C SER C 71 9.80 -21.93 -10.93
N LEU C 72 10.67 -22.46 -10.08
CA LEU C 72 11.68 -21.68 -9.37
C LEU C 72 12.94 -22.56 -9.49
N THR C 73 13.93 -22.03 -10.18
CA THR C 73 15.15 -22.77 -10.38
C THR C 73 16.29 -22.06 -9.64
N ILE C 74 17.27 -22.84 -9.18
CA ILE C 74 18.43 -22.30 -8.48
C ILE C 74 19.66 -22.87 -9.21
N SER C 75 20.47 -21.98 -9.78
CA SER C 75 21.63 -22.39 -10.54
C SER C 75 22.52 -23.36 -9.78
N THR C 76 22.90 -22.95 -8.57
CA THR C 76 23.80 -23.71 -7.73
C THR C 76 23.47 -23.58 -6.27
N MET C 77 22.82 -24.58 -5.68
CA MET C 77 22.47 -24.56 -4.26
C MET C 77 23.62 -24.08 -3.41
N GLU C 78 23.28 -23.43 -2.30
CA GLU C 78 24.25 -22.95 -1.30
C GLU C 78 23.59 -23.42 -0.01
N ALA C 79 24.34 -23.45 1.10
CA ALA C 79 23.76 -23.91 2.37
C ALA C 79 22.61 -23.00 2.86
N GLU C 80 22.82 -21.69 2.66
CA GLU C 80 21.86 -20.63 3.00
C GLU C 80 20.48 -20.75 2.30
N ASP C 81 20.37 -21.54 1.22
CA ASP C 81 19.13 -21.70 0.45
C ASP C 81 18.17 -22.73 1.00
N ALA C 82 18.63 -23.54 1.95
CA ALA C 82 17.78 -24.58 2.52
C ALA C 82 16.69 -23.80 3.24
N ALA C 83 15.48 -23.91 2.70
CA ALA C 83 14.31 -23.21 3.21
C ALA C 83 13.09 -24.00 2.81
N THR C 84 11.97 -23.34 2.71
CA THR C 84 10.75 -24.00 2.31
C THR C 84 10.23 -22.95 1.34
N TYR C 85 9.93 -23.37 0.11
CA TYR C 85 9.46 -22.42 -0.89
C TYR C 85 8.01 -22.62 -1.27
N TYR C 86 7.25 -21.52 -1.25
CA TYR C 86 5.83 -21.54 -1.57
C TYR C 86 5.53 -20.74 -2.82
N CYS C 87 4.57 -21.18 -3.62
CA CYS C 87 4.17 -20.45 -4.82
C CYS C 87 2.88 -19.73 -4.47
N HIS C 88 2.65 -18.60 -5.12
CA HIS C 88 1.51 -17.81 -4.77
C HIS C 88 0.82 -17.20 -5.97
N GLN C 89 -0.34 -17.75 -6.26
CA GLN C 89 -1.23 -17.26 -7.32
C GLN C 89 -2.01 -16.10 -6.70
N ARG C 90 -2.20 -15.07 -7.47
CA ARG C 90 -2.88 -13.87 -6.98
C ARG C 90 -4.08 -13.50 -7.86
N SER C 91 -4.35 -14.35 -8.84
CA SER C 91 -5.38 -14.11 -9.89
C SER C 91 -6.84 -14.29 -9.45
N SER C 92 -7.14 -14.04 -8.21
CA SER C 92 -8.51 -14.14 -7.68
C SER C 92 -8.31 -14.16 -6.19
N TYR C 93 -9.04 -14.97 -5.50
CA TYR C 93 -8.81 -15.12 -4.07
C TYR C 93 -7.48 -15.80 -3.98
N PRO C 94 -6.42 -15.11 -3.61
CA PRO C 94 -5.12 -15.70 -3.71
C PRO C 94 -5.00 -17.06 -3.06
N THR C 95 -4.05 -17.85 -3.54
CA THR C 95 -3.79 -19.17 -3.00
C THR C 95 -2.28 -19.39 -3.00
N PHE C 96 -1.82 -20.33 -2.17
CA PHE C 96 -0.40 -20.65 -2.08
C PHE C 96 -0.20 -22.13 -2.37
N GLY C 97 1.04 -22.51 -2.70
CA GLY C 97 1.34 -23.92 -2.93
C GLY C 97 1.46 -24.64 -1.58
N GLY C 98 1.78 -25.92 -1.65
CA GLY C 98 1.97 -26.67 -0.43
C GLY C 98 3.41 -26.55 0.06
N GLY C 99 4.24 -25.96 -0.81
CA GLY C 99 5.65 -25.78 -0.48
C GLY C 99 6.53 -26.90 -0.95
N THR C 100 7.84 -26.67 -0.87
CA THR C 100 8.89 -27.61 -1.25
C THR C 100 10.01 -27.43 -0.25
N LYS C 101 10.27 -28.44 0.54
CA LYS C 101 11.33 -28.36 1.51
C LYS C 101 12.63 -28.52 0.73
N LEU C 102 13.48 -27.52 0.78
CA LEU C 102 14.76 -27.62 0.08
C LEU C 102 15.85 -27.90 1.10
N GLU C 103 16.22 -29.16 1.19
CA GLU C 103 17.24 -29.59 2.12
C GLU C 103 18.52 -29.79 1.35
N ILE C 104 19.60 -29.31 1.94
CA ILE C 104 20.92 -29.45 1.34
C ILE C 104 21.39 -30.79 1.85
N LYS C 105 22.50 -31.24 1.30
CA LYS C 105 23.12 -32.45 1.79
C LYS C 105 24.54 -31.99 2.09
N ARG C 106 25.16 -32.60 3.08
CA ARG C 106 26.50 -32.23 3.46
C ARG C 106 27.21 -33.48 3.93
N ALA C 107 28.51 -33.41 4.15
CA ALA C 107 29.27 -34.57 4.61
C ALA C 107 28.72 -35.12 5.93
N ASP C 108 28.62 -36.43 6.02
CA ASP C 108 28.10 -37.05 7.22
C ASP C 108 28.91 -36.66 8.45
N ALA C 109 28.25 -36.68 9.61
CA ALA C 109 28.88 -36.32 10.88
C ALA C 109 28.20 -37.10 11.99
N ALA C 110 28.99 -37.56 12.94
CA ALA C 110 28.45 -38.36 14.03
C ALA C 110 27.74 -37.45 15.02
N PRO C 111 26.79 -38.00 15.81
CA PRO C 111 26.04 -37.23 16.83
C PRO C 111 26.80 -37.00 18.14
N THR C 112 26.89 -35.73 18.55
CA THR C 112 27.55 -35.37 19.81
C THR C 112 26.58 -35.66 20.96
N VAL C 113 26.74 -36.79 21.61
CA VAL C 113 25.84 -37.19 22.68
C VAL C 113 26.26 -36.73 24.07
N SER C 114 25.25 -36.49 24.90
CA SER C 114 25.40 -36.07 26.30
C SER C 114 24.09 -36.47 26.97
N ILE C 115 24.16 -37.12 28.13
CA ILE C 115 22.96 -37.52 28.86
C ILE C 115 22.98 -36.77 30.21
N PHE C 116 21.80 -36.51 30.78
CA PHE C 116 21.68 -35.81 32.06
C PHE C 116 20.69 -36.55 32.95
N PRO C 117 20.84 -36.41 34.28
CA PRO C 117 19.98 -37.06 35.28
C PRO C 117 18.86 -36.14 35.81
N PRO C 118 17.81 -36.74 36.43
CA PRO C 118 16.69 -35.99 36.99
C PRO C 118 17.24 -35.10 38.10
N SER C 119 17.25 -33.79 37.87
CA SER C 119 17.77 -32.87 38.89
C SER C 119 17.05 -33.07 40.21
N LYS C 120 17.75 -32.81 41.31
CA LYS C 120 17.19 -32.96 42.65
C LYS C 120 15.89 -32.19 42.62
N ILE C 121 15.94 -31.00 42.01
CA ILE C 121 14.76 -30.16 41.88
C ILE C 121 13.58 -30.96 41.35
N GLN C 122 13.62 -31.41 40.10
CA GLN C 122 12.50 -32.19 39.58
C GLN C 122 12.14 -33.33 40.50
N LEU C 123 13.15 -34.02 41.00
CA LEU C 123 12.94 -35.14 41.89
C LEU C 123 12.12 -34.80 43.13
N THR C 124 12.34 -33.60 43.69
CA THR C 124 11.62 -33.22 44.91
C THR C 124 10.10 -33.24 44.66
N SER C 125 9.67 -32.98 43.41
CA SER C 125 8.25 -32.98 43.05
C SER C 125 7.70 -34.39 42.78
N GLY C 126 8.59 -35.38 42.78
CA GLY C 126 8.15 -36.74 42.53
C GLY C 126 8.24 -37.15 41.08
N GLY C 127 9.02 -36.43 40.29
CA GLY C 127 9.16 -36.78 38.88
C GLY C 127 10.61 -36.81 38.43
N ALA C 128 10.92 -37.72 37.50
CA ALA C 128 12.29 -37.84 37.02
C ALA C 128 12.38 -37.94 35.51
N SER C 129 12.85 -36.87 34.88
CA SER C 129 13.01 -36.85 33.44
C SER C 129 14.50 -36.87 33.10
N VAL C 130 14.97 -37.99 32.55
CA VAL C 130 16.37 -38.14 32.14
C VAL C 130 16.43 -37.77 30.66
N VAL C 131 17.09 -36.65 30.35
CA VAL C 131 17.20 -36.15 28.98
C VAL C 131 18.51 -36.56 28.29
N CYS C 132 18.46 -36.70 26.97
CA CYS C 132 19.62 -37.10 26.18
C CYS C 132 19.64 -36.20 24.93
N PHE C 133 20.76 -35.51 24.69
CA PHE C 133 20.88 -34.63 23.54
C PHE C 133 21.85 -35.18 22.51
N LEU C 134 21.31 -35.48 21.33
CA LEU C 134 22.08 -35.99 20.19
C LEU C 134 22.21 -34.80 19.20
N ASN C 135 23.26 -34.04 19.36
CA ASN C 135 23.47 -32.84 18.56
C ASN C 135 24.42 -32.84 17.40
N ASN C 136 24.04 -32.03 16.42
CA ASN C 136 24.81 -31.77 15.19
C ASN C 136 25.26 -32.94 14.34
N PHE C 137 24.38 -33.92 14.15
CA PHE C 137 24.73 -35.08 13.36
C PHE C 137 24.15 -34.95 11.98
N TYR C 138 24.60 -35.82 11.08
CA TYR C 138 24.12 -35.88 9.70
C TYR C 138 24.43 -37.27 9.14
N PRO C 139 23.45 -37.90 8.47
CA PRO C 139 22.08 -37.52 8.10
C PRO C 139 21.06 -37.51 9.24
N LYS C 140 19.85 -37.06 8.92
CA LYS C 140 18.82 -36.95 9.92
C LYS C 140 18.40 -38.30 10.46
N ASP C 141 18.95 -39.36 9.87
CA ASP C 141 18.63 -40.71 10.28
C ASP C 141 19.49 -41.14 11.50
N ILE C 142 18.84 -41.17 12.67
CA ILE C 142 19.48 -41.51 13.95
C ILE C 142 18.61 -42.51 14.71
N ASN C 143 19.25 -43.27 15.61
CA ASN C 143 18.58 -44.30 16.42
C ASN C 143 18.94 -44.14 17.91
N VAL C 144 17.95 -43.86 18.76
CA VAL C 144 18.22 -43.71 20.19
C VAL C 144 17.65 -44.86 21.00
N LYS C 145 18.53 -45.71 21.50
CA LYS C 145 18.11 -46.83 22.34
C LYS C 145 18.21 -46.22 23.72
N TRP C 146 17.04 -45.91 24.27
CA TRP C 146 16.96 -45.33 25.60
C TRP C 146 17.04 -46.44 26.62
N LYS C 147 15.86 -46.82 27.11
CA LYS C 147 15.59 -47.85 28.12
C LYS C 147 16.72 -48.75 28.63
N ILE C 148 17.89 -48.15 28.82
CA ILE C 148 19.09 -48.85 29.30
C ILE C 148 19.29 -50.19 28.58
N ASP C 149 20.32 -50.26 27.74
CA ASP C 149 20.66 -51.46 26.97
C ASP C 149 20.37 -52.74 27.75
N GLY C 150 19.75 -53.71 27.06
CA GLY C 150 19.39 -54.96 27.70
C GLY C 150 17.99 -54.83 28.28
N SER C 151 17.80 -53.83 29.12
CA SER C 151 16.51 -53.55 29.76
C SER C 151 15.68 -52.69 28.77
N GLU C 152 16.37 -52.29 27.71
CA GLU C 152 15.89 -51.46 26.61
C GLU C 152 14.49 -51.64 26.01
N ARG C 153 13.45 -51.52 26.82
CA ARG C 153 12.10 -51.64 26.26
C ARG C 153 11.34 -50.31 26.29
N GLN C 154 11.72 -49.49 25.32
CA GLN C 154 11.17 -48.16 25.06
C GLN C 154 9.70 -47.99 25.45
N ASN C 155 9.39 -46.95 26.23
CA ASN C 155 8.00 -46.74 26.65
C ASN C 155 7.80 -45.31 27.12
N GLY C 156 8.50 -44.90 28.17
CA GLY C 156 8.36 -43.54 28.68
C GLY C 156 9.37 -42.58 28.08
N VAL C 157 9.44 -42.59 26.76
CA VAL C 157 10.39 -41.78 26.00
C VAL C 157 9.71 -40.87 24.98
N LEU C 158 9.93 -39.57 25.11
CA LEU C 158 9.39 -38.61 24.14
C LEU C 158 10.60 -38.20 23.32
N ASN C 159 10.40 -37.97 22.03
CA ASN C 159 11.51 -37.59 21.16
C ASN C 159 11.20 -36.30 20.38
N SER C 160 12.23 -35.56 20.01
CA SER C 160 12.06 -34.31 19.27
C SER C 160 13.31 -33.97 18.46
N TRP C 161 13.17 -33.21 17.40
CA TRP C 161 14.33 -32.87 16.59
C TRP C 161 14.20 -31.51 15.95
N THR C 162 15.34 -30.92 15.69
CA THR C 162 15.35 -29.62 15.05
C THR C 162 15.29 -29.89 13.57
N ASP C 163 15.03 -28.85 12.79
CA ASP C 163 15.02 -29.02 11.35
C ASP C 163 16.46 -28.74 10.91
N GLN C 164 16.77 -28.91 9.64
CA GLN C 164 18.14 -28.68 9.20
C GLN C 164 18.60 -27.23 9.42
N ASP C 165 19.80 -27.04 9.99
CA ASP C 165 20.30 -25.68 10.16
C ASP C 165 20.78 -25.20 8.78
N SER C 166 21.05 -23.91 8.63
CA SER C 166 21.47 -23.37 7.34
C SER C 166 22.96 -23.04 7.19
N LYS C 167 23.72 -23.18 8.26
CA LYS C 167 25.16 -22.91 8.24
C LYS C 167 25.90 -24.18 8.55
N ASP C 168 25.37 -24.89 9.54
CA ASP C 168 25.89 -26.15 10.03
C ASP C 168 25.25 -27.29 9.25
N SER C 169 24.06 -27.06 8.74
CA SER C 169 23.33 -28.04 7.97
C SER C 169 23.15 -29.37 8.65
N THR C 170 23.61 -29.52 9.90
CA THR C 170 23.40 -30.79 10.53
C THR C 170 22.02 -30.82 11.16
N TYR C 171 21.74 -31.87 11.91
CA TYR C 171 20.45 -32.04 12.56
C TYR C 171 20.79 -32.34 14.01
N SER C 172 19.81 -32.19 14.90
CA SER C 172 20.00 -32.42 16.33
C SER C 172 18.72 -33.04 16.90
N MET C 173 18.82 -33.67 18.07
CA MET C 173 17.66 -34.33 18.64
C MET C 173 17.73 -34.38 20.16
N SER C 174 16.57 -34.48 20.83
CA SER C 174 16.53 -34.53 22.29
C SER C 174 15.52 -35.59 22.67
N SER C 175 15.97 -36.59 23.41
CA SER C 175 15.10 -37.66 23.85
C SER C 175 14.97 -37.54 25.35
N THR C 176 13.78 -37.81 25.87
CA THR C 176 13.57 -37.70 27.31
C THR C 176 12.85 -38.91 27.89
N LEU C 177 13.43 -39.45 28.95
CA LEU C 177 12.88 -40.57 29.67
C LEU C 177 12.31 -39.98 30.95
N THR C 178 11.04 -40.25 31.21
CA THR C 178 10.41 -39.72 32.38
C THR C 178 9.81 -40.87 33.19
N LEU C 179 10.27 -41.01 34.44
CA LEU C 179 9.80 -42.03 35.37
C LEU C 179 9.15 -41.38 36.58
N THR C 180 8.66 -42.23 37.50
CA THR C 180 8.01 -41.80 38.72
C THR C 180 8.97 -41.74 39.91
N LYS C 181 9.78 -40.67 40.01
CA LYS C 181 10.78 -40.48 41.09
C LYS C 181 11.37 -41.72 41.74
N ASP C 182 10.65 -42.30 42.70
CA ASP C 182 11.10 -43.48 43.42
C ASP C 182 11.31 -44.71 42.53
N GLU C 183 10.50 -44.87 41.48
CA GLU C 183 10.69 -45.98 40.56
C GLU C 183 12.06 -45.73 39.90
N TYR C 184 12.34 -44.47 39.58
CA TYR C 184 13.63 -44.08 39.01
C TYR C 184 14.65 -44.49 40.07
N GLU C 185 14.36 -44.14 41.33
CA GLU C 185 15.23 -44.44 42.47
C GLU C 185 15.27 -45.93 42.85
N ARG C 186 14.52 -46.77 42.13
CA ARG C 186 14.52 -48.20 42.42
C ARG C 186 15.27 -48.97 41.31
N HIS C 187 16.05 -48.25 40.50
CA HIS C 187 16.78 -48.89 39.42
C HIS C 187 18.25 -48.54 39.30
N ASN C 188 18.97 -49.50 38.70
CA ASN C 188 20.41 -49.48 38.45
C ASN C 188 21.02 -48.18 37.93
N SER C 189 21.56 -48.24 36.72
CA SER C 189 22.18 -47.08 36.10
C SER C 189 21.34 -46.74 34.89
N TYR C 190 21.42 -45.50 34.45
CA TYR C 190 20.66 -45.12 33.29
C TYR C 190 21.60 -44.89 32.11
N THR C 191 21.25 -45.53 31.00
CA THR C 191 22.05 -45.46 29.80
C THR C 191 21.26 -45.09 28.54
N CYS C 192 21.83 -44.15 27.79
CA CYS C 192 21.26 -43.67 26.53
C CYS C 192 22.29 -44.05 25.45
N GLU C 193 21.89 -44.97 24.58
CA GLU C 193 22.74 -45.46 23.50
C GLU C 193 22.21 -44.91 22.17
N ALA C 194 23.10 -44.57 21.24
CA ALA C 194 22.70 -44.01 19.95
C ALA C 194 23.40 -44.62 18.74
N THR C 195 22.62 -45.01 17.73
CA THR C 195 23.15 -45.63 16.53
C THR C 195 22.96 -44.84 15.24
N HIS C 196 24.08 -44.39 14.68
CA HIS C 196 24.06 -43.57 13.46
C HIS C 196 25.10 -44.00 12.41
N LYS C 197 24.71 -43.87 11.15
CA LYS C 197 25.49 -44.17 9.94
C LYS C 197 27.02 -44.05 10.07
N THR C 198 27.46 -43.07 10.84
CA THR C 198 28.88 -42.82 11.05
C THR C 198 29.62 -43.97 11.67
N SER C 199 28.90 -44.82 12.41
CA SER C 199 29.52 -45.95 13.06
C SER C 199 28.54 -47.08 13.32
N THR C 200 29.11 -48.28 13.38
CA THR C 200 28.38 -49.50 13.62
C THR C 200 28.17 -49.59 15.14
N SER C 201 29.18 -49.08 15.85
CA SER C 201 29.22 -49.03 17.32
C SER C 201 28.47 -47.82 17.88
N PRO C 202 27.29 -48.05 18.52
CA PRO C 202 26.44 -47.01 19.12
C PRO C 202 27.09 -46.17 20.24
N ILE C 203 26.97 -44.85 20.14
CA ILE C 203 27.55 -43.94 21.13
C ILE C 203 26.77 -44.08 22.41
N VAL C 204 27.50 -44.17 23.52
CA VAL C 204 26.85 -44.35 24.81
C VAL C 204 27.43 -43.43 25.90
N LYS C 205 26.54 -42.67 26.52
CA LYS C 205 26.87 -41.77 27.62
C LYS C 205 25.99 -42.34 28.71
N SER C 206 26.38 -42.21 29.97
CA SER C 206 25.54 -42.73 31.05
C SER C 206 25.91 -42.18 32.42
N PHE C 207 25.00 -42.39 33.38
CA PHE C 207 25.22 -41.99 34.78
C PHE C 207 24.78 -43.26 35.52
N ASN C 208 25.43 -43.58 36.62
CA ASN C 208 25.09 -44.83 37.27
C ASN C 208 24.27 -44.88 38.55
N ARG C 209 23.85 -43.75 39.09
CA ARG C 209 23.11 -43.83 40.34
C ARG C 209 21.69 -43.32 40.48
N ASN C 210 21.10 -43.73 41.60
CA ASN C 210 19.76 -43.43 42.10
C ASN C 210 18.73 -44.53 41.89
N GLN D 1 11.26 0.81 7.43
CA GLN D 1 10.39 1.39 8.51
C GLN D 1 9.07 0.67 8.53
N VAL D 2 8.75 0.00 7.43
CA VAL D 2 7.49 -0.72 7.39
C VAL D 2 7.51 -1.80 8.47
N GLN D 3 6.48 -1.84 9.31
CA GLN D 3 6.39 -2.85 10.32
C GLN D 3 4.93 -3.11 10.71
N LEU D 4 4.56 -4.39 10.66
CA LEU D 4 3.24 -4.82 11.05
C LEU D 4 3.49 -5.57 12.36
N GLN D 5 3.11 -4.96 13.46
CA GLN D 5 3.28 -5.58 14.75
C GLN D 5 1.99 -6.28 15.07
N GLN D 6 2.05 -7.57 15.35
CA GLN D 6 0.85 -8.31 15.68
C GLN D 6 0.70 -8.59 17.17
N SER D 7 -0.54 -8.73 17.60
CA SER D 7 -0.87 -9.02 19.00
C SER D 7 -0.22 -10.31 19.44
N GLY D 8 -0.19 -10.51 20.75
CA GLY D 8 0.40 -11.71 21.31
C GLY D 8 -0.42 -12.93 20.98
N ALA D 9 0.17 -14.12 21.19
CA ALA D 9 -0.47 -15.40 20.92
C ALA D 9 -1.68 -15.56 21.79
N GLU D 10 -2.61 -16.42 21.36
CA GLU D 10 -3.87 -16.66 22.05
C GLU D 10 -4.14 -18.09 22.47
N LEU D 11 -5.29 -18.25 23.12
CA LEU D 11 -5.80 -19.54 23.58
C LEU D 11 -7.27 -19.24 23.85
N MET D 12 -8.14 -19.69 22.96
CA MET D 12 -9.56 -19.50 23.14
C MET D 12 -10.19 -20.89 23.10
N LYS D 13 -11.18 -21.12 23.97
CA LYS D 13 -11.86 -22.41 24.04
C LYS D 13 -12.57 -22.72 22.73
N PRO D 14 -12.91 -23.98 22.49
CA PRO D 14 -13.60 -24.28 21.23
C PRO D 14 -14.97 -23.61 21.22
N GLY D 15 -15.30 -22.91 20.14
CA GLY D 15 -16.58 -22.25 20.10
C GLY D 15 -16.51 -20.72 20.21
N PRO D 16 -15.66 -20.14 21.08
CA PRO D 16 -15.67 -18.69 21.08
C PRO D 16 -14.90 -18.17 19.92
N SER D 17 -14.50 -16.90 20.06
CA SER D 17 -13.73 -16.17 19.06
C SER D 17 -12.50 -15.49 19.62
N VAL D 18 -11.50 -15.35 18.76
CA VAL D 18 -10.26 -14.72 19.10
C VAL D 18 -10.27 -13.51 18.21
N LYS D 19 -9.57 -12.45 18.65
CA LYS D 19 -9.49 -11.19 17.91
C LYS D 19 -8.01 -10.84 17.84
N ILE D 20 -7.43 -10.95 16.66
CA ILE D 20 -6.02 -10.65 16.39
C ILE D 20 -5.88 -9.19 15.90
N SER D 21 -4.83 -8.50 16.33
CA SER D 21 -4.60 -7.14 15.89
C SER D 21 -3.29 -7.07 15.14
N CYS D 22 -3.13 -6.03 14.33
CA CYS D 22 -1.94 -5.86 13.53
C CYS D 22 -1.73 -4.36 13.30
N LYS D 23 -0.79 -3.79 14.04
CA LYS D 23 -0.45 -2.37 13.93
C LYS D 23 0.57 -2.10 12.83
N ALA D 24 0.17 -1.27 11.88
CA ALA D 24 1.02 -0.92 10.75
C ALA D 24 1.66 0.41 11.01
N THR D 25 2.92 0.51 10.66
CA THR D 25 3.65 1.76 10.79
C THR D 25 4.77 1.70 9.74
N GLY D 26 5.10 2.84 9.16
CA GLY D 26 6.19 2.92 8.15
C GLY D 26 5.63 3.22 6.76
N TYR D 27 4.32 3.18 6.65
CA TYR D 27 3.60 3.47 5.40
C TYR D 27 2.17 3.92 5.74
N SER D 28 1.59 4.70 4.84
CA SER D 28 0.22 5.24 5.03
C SER D 28 -0.78 4.08 5.02
N PHE D 29 -1.28 3.83 6.21
CA PHE D 29 -2.22 2.74 6.53
C PHE D 29 -3.41 2.62 5.55
N SER D 30 -4.03 3.74 5.24
CA SER D 30 -5.23 3.73 4.38
C SER D 30 -4.91 3.52 2.89
N THR D 31 -3.64 3.40 2.54
CA THR D 31 -3.29 3.28 1.12
C THR D 31 -3.24 1.84 0.60
N TYR D 32 -2.92 0.90 1.43
CA TYR D 32 -2.83 -0.47 0.93
C TYR D 32 -3.68 -1.42 1.74
N PHE D 33 -4.12 -2.43 1.04
CA PHE D 33 -4.92 -3.50 1.64
C PHE D 33 -4.04 -4.28 2.61
N ILE D 34 -4.64 -4.66 3.70
CA ILE D 34 -3.96 -5.51 4.68
C ILE D 34 -4.59 -6.88 4.56
N GLU D 35 -3.79 -7.86 4.21
CA GLU D 35 -4.32 -9.19 4.01
C GLU D 35 -3.98 -10.12 5.17
N TRP D 36 -4.82 -11.15 5.35
CA TRP D 36 -4.69 -12.13 6.42
C TRP D 36 -4.52 -13.56 5.89
N ILE D 37 -3.41 -14.23 6.26
CA ILE D 37 -3.07 -15.61 5.86
C ILE D 37 -2.68 -16.40 7.09
N ARG D 38 -3.06 -17.67 7.17
CA ARG D 38 -2.71 -18.48 8.34
C ARG D 38 -1.90 -19.72 8.03
N GLN D 39 -1.22 -20.22 9.05
CA GLN D 39 -0.37 -21.40 8.93
C GLN D 39 -0.71 -22.48 9.94
N ARG D 40 -1.46 -23.47 9.47
CA ARG D 40 -1.87 -24.60 10.26
C ARG D 40 -0.76 -25.63 10.09
N PRO D 41 -0.24 -26.17 11.21
CA PRO D 41 0.84 -27.16 11.21
C PRO D 41 0.60 -28.25 10.18
N GLY D 42 1.50 -28.30 9.20
CA GLY D 42 1.38 -29.28 8.15
C GLY D 42 0.14 -29.05 7.31
N HIS D 43 0.04 -27.86 6.70
CA HIS D 43 -1.11 -27.55 5.84
C HIS D 43 -0.74 -26.50 4.78
N GLY D 44 0.33 -25.74 5.04
CA GLY D 44 0.74 -24.72 4.08
C GLY D 44 0.17 -23.37 4.47
N LEU D 45 -0.08 -22.49 3.50
CA LEU D 45 -0.62 -21.17 3.81
C LEU D 45 -2.04 -21.04 3.29
N GLU D 46 -2.94 -20.55 4.15
CA GLU D 46 -4.34 -20.39 3.77
C GLU D 46 -4.84 -18.94 3.75
N TRP D 47 -5.15 -18.41 2.57
CA TRP D 47 -5.60 -17.03 2.48
C TRP D 47 -6.94 -16.86 3.16
N ILE D 48 -7.00 -16.06 4.22
CA ILE D 48 -8.27 -15.83 4.92
C ILE D 48 -9.09 -14.71 4.27
N GLY D 49 -8.52 -13.51 4.15
CA GLY D 49 -9.24 -12.39 3.57
C GLY D 49 -8.42 -11.11 3.60
N GLU D 50 -9.08 -9.96 3.39
CA GLU D 50 -8.40 -8.67 3.39
C GLU D 50 -9.35 -7.49 3.48
N ILE D 51 -8.79 -6.35 3.91
CA ILE D 51 -9.53 -5.11 4.09
C ILE D 51 -8.71 -3.91 3.62
N LEU D 52 -9.38 -2.91 3.07
CA LEU D 52 -8.70 -1.70 2.63
C LEU D 52 -9.14 -0.68 3.66
N PRO D 53 -8.27 -0.35 4.62
CA PRO D 53 -8.59 0.60 5.68
C PRO D 53 -9.13 1.89 5.13
N GLY D 54 -10.22 2.37 5.72
CA GLY D 54 -10.80 3.62 5.27
C GLY D 54 -11.87 3.48 4.22
N SER D 55 -12.04 2.28 3.70
CA SER D 55 -13.06 2.03 2.69
C SER D 55 -13.74 0.73 3.09
N ASP D 56 -12.94 -0.06 3.79
CA ASP D 56 -13.34 -1.35 4.29
C ASP D 56 -13.88 -2.28 3.21
N ASN D 57 -13.34 -2.16 2.00
CA ASN D 57 -13.74 -3.05 0.91
C ASN D 57 -13.06 -4.27 1.46
N THR D 58 -13.83 -5.21 1.95
CA THR D 58 -13.23 -6.41 2.51
C THR D 58 -13.53 -7.58 1.56
N ASN D 59 -12.56 -8.45 1.34
CA ASN D 59 -12.77 -9.59 0.45
C ASN D 59 -12.40 -10.84 1.22
N PHE D 60 -13.39 -11.70 1.42
CA PHE D 60 -13.19 -12.92 2.16
C PHE D 60 -12.99 -14.09 1.24
N ASN D 61 -12.35 -15.12 1.76
CA ASN D 61 -12.18 -16.35 1.03
C ASN D 61 -13.48 -17.00 1.47
N GLU D 62 -14.27 -17.47 0.51
CA GLU D 62 -15.55 -18.10 0.80
C GLU D 62 -15.58 -18.91 2.09
N LYS D 63 -14.56 -19.73 2.27
CA LYS D 63 -14.41 -20.62 3.42
C LYS D 63 -14.49 -19.96 4.78
N PHE D 64 -14.16 -18.68 4.86
CA PHE D 64 -14.20 -17.98 6.14
C PHE D 64 -15.26 -16.90 6.24
N LYS D 65 -16.06 -16.77 5.20
CA LYS D 65 -17.13 -15.75 5.15
C LYS D 65 -18.06 -15.94 6.32
N ASP D 66 -18.51 -14.82 6.89
CA ASP D 66 -19.39 -14.85 8.06
C ASP D 66 -18.89 -15.97 8.99
N ARG D 67 -17.72 -15.70 9.53
CA ARG D 67 -16.99 -16.58 10.42
C ARG D 67 -15.86 -15.62 10.77
N ALA D 68 -15.27 -15.09 9.70
CA ALA D 68 -14.18 -14.13 9.76
C ALA D 68 -14.75 -12.71 9.62
N THR D 69 -14.17 -11.79 10.38
CA THR D 69 -14.60 -10.41 10.41
C THR D 69 -13.39 -9.45 10.39
N PHE D 70 -13.26 -8.70 9.30
CA PHE D 70 -12.17 -7.77 9.15
C PHE D 70 -12.59 -6.33 9.45
N THR D 71 -11.82 -5.66 10.28
CA THR D 71 -12.10 -4.27 10.65
C THR D 71 -10.74 -3.59 10.68
N ALA D 72 -10.70 -2.27 10.63
CA ALA D 72 -9.44 -1.58 10.69
C ALA D 72 -9.65 -0.16 11.15
N ASP D 73 -8.89 0.21 12.18
CA ASP D 73 -8.93 1.53 12.81
C ASP D 73 -7.81 2.47 12.32
N THR D 74 -8.20 3.56 11.69
CA THR D 74 -7.27 4.52 11.13
C THR D 74 -6.48 5.29 12.17
N PRO D 75 -7.15 5.95 13.10
CA PRO D 75 -6.36 6.68 14.08
C PRO D 75 -5.22 5.88 14.73
N SER D 76 -5.49 4.63 15.09
CA SER D 76 -4.48 3.80 15.71
C SER D 76 -3.63 3.08 14.69
N ASN D 77 -4.01 3.18 13.43
CA ASN D 77 -3.27 2.54 12.36
C ASN D 77 -3.25 1.04 12.55
N THR D 78 -4.31 0.51 13.15
CA THR D 78 -4.42 -0.93 13.42
C THR D 78 -5.56 -1.63 12.71
N ALA D 79 -5.28 -2.75 12.06
CA ALA D 79 -6.31 -3.52 11.37
C ALA D 79 -6.56 -4.65 12.33
N TYR D 80 -7.74 -5.28 12.28
CA TYR D 80 -8.06 -6.41 13.16
C TYR D 80 -8.80 -7.50 12.44
N MET D 81 -8.67 -8.70 12.99
CA MET D 81 -9.31 -9.88 12.44
C MET D 81 -9.96 -10.63 13.58
N GLN D 82 -11.22 -10.98 13.41
CA GLN D 82 -11.93 -11.69 14.43
C GLN D 82 -12.49 -12.95 13.81
N LEU D 83 -12.15 -14.09 14.39
CA LEU D 83 -12.62 -15.39 13.90
C LEU D 83 -13.46 -15.98 15.04
N SER D 84 -14.73 -16.28 14.77
CA SER D 84 -15.57 -16.83 15.82
C SER D 84 -15.92 -18.28 15.59
N SER D 85 -16.52 -18.89 16.61
CA SER D 85 -16.93 -20.28 16.54
C SER D 85 -15.74 -21.11 16.10
N LEU D 86 -14.78 -21.22 17.02
CA LEU D 86 -13.54 -21.94 16.77
C LEU D 86 -13.60 -23.42 16.96
N THR D 87 -12.73 -24.11 16.23
CA THR D 87 -12.54 -25.57 16.34
C THR D 87 -11.02 -25.71 16.49
N SER D 88 -10.53 -26.88 16.84
CA SER D 88 -9.10 -27.07 16.95
C SER D 88 -8.51 -26.82 15.55
N GLU D 89 -9.35 -26.93 14.53
CA GLU D 89 -8.90 -26.74 13.15
C GLU D 89 -8.46 -25.32 12.83
N ASP D 90 -8.78 -24.38 13.72
CA ASP D 90 -8.40 -22.97 13.55
C ASP D 90 -7.17 -22.57 14.38
N SER D 91 -6.53 -23.56 14.98
CA SER D 91 -5.32 -23.35 15.76
C SER D 91 -4.25 -23.22 14.71
N ALA D 92 -3.47 -22.15 14.75
CA ALA D 92 -2.42 -21.91 13.77
C ALA D 92 -1.76 -20.59 14.04
N VAL D 93 -0.86 -20.19 13.13
CA VAL D 93 -0.17 -18.91 13.21
C VAL D 93 -0.85 -18.04 12.17
N TYR D 94 -1.35 -16.87 12.56
CA TYR D 94 -2.01 -15.98 11.61
C TYR D 94 -1.12 -14.78 11.30
N TYR D 95 -0.74 -14.60 10.05
CA TYR D 95 0.07 -13.45 9.73
C TYR D 95 -0.80 -12.43 9.05
N CYS D 96 -0.43 -11.15 9.16
CA CYS D 96 -1.16 -10.09 8.45
C CYS D 96 -0.07 -9.63 7.51
N ALA D 97 -0.44 -9.03 6.38
CA ALA D 97 0.61 -8.61 5.47
C ALA D 97 0.15 -7.58 4.48
N ARG D 98 1.05 -6.68 4.14
CA ARG D 98 0.80 -5.61 3.18
C ARG D 98 1.60 -5.94 1.92
N PRO D 99 1.01 -6.65 0.95
CA PRO D 99 1.84 -6.93 -0.23
C PRO D 99 1.75 -5.91 -1.33
N THR D 100 0.87 -4.93 -1.20
CA THR D 100 0.70 -3.88 -2.22
C THR D 100 0.39 -4.47 -3.60
N GLY D 101 0.58 -3.67 -4.63
CA GLY D 101 0.31 -4.15 -5.97
C GLY D 101 1.58 -4.65 -6.57
N ARG D 102 2.69 -4.32 -5.91
CA ARG D 102 4.00 -4.72 -6.38
C ARG D 102 4.66 -5.46 -5.23
N LEU D 103 4.70 -6.79 -5.34
CA LEU D 103 5.27 -7.67 -4.30
C LEU D 103 6.74 -7.50 -3.97
N TRP D 104 7.41 -6.58 -4.66
CA TRP D 104 8.77 -6.30 -4.30
C TRP D 104 8.63 -5.68 -2.91
N PHE D 105 7.47 -5.04 -2.66
CA PHE D 105 7.14 -4.34 -1.41
C PHE D 105 6.31 -5.08 -0.35
N SER D 106 6.18 -6.42 -0.44
CA SER D 106 5.40 -7.24 0.51
C SER D 106 5.98 -7.31 1.91
N TYR D 107 5.16 -7.22 2.96
CA TYR D 107 5.63 -7.30 4.36
C TYR D 107 4.65 -8.09 5.23
N TRP D 108 5.14 -9.18 5.82
CA TRP D 108 4.30 -10.04 6.67
C TRP D 108 4.58 -9.78 8.14
N GLY D 109 3.56 -9.86 8.99
CA GLY D 109 3.76 -9.64 10.44
C GLY D 109 4.52 -10.77 11.12
N GLN D 110 4.85 -10.64 12.40
CA GLN D 110 5.62 -11.72 13.00
C GLN D 110 4.81 -12.98 13.05
N GLY D 111 3.53 -12.82 13.32
CA GLY D 111 2.64 -13.95 13.43
C GLY D 111 1.98 -13.93 14.80
N THR D 112 0.76 -14.48 14.87
CA THR D 112 0.03 -14.57 16.13
C THR D 112 -0.38 -16.02 16.25
N LEU D 113 0.16 -16.67 17.27
CA LEU D 113 -0.14 -18.06 17.54
C LEU D 113 -1.48 -18.14 18.19
N VAL D 114 -2.47 -18.73 17.53
CA VAL D 114 -3.77 -18.88 18.14
C VAL D 114 -3.91 -20.35 18.44
N THR D 115 -4.09 -20.64 19.73
CA THR D 115 -4.25 -21.98 20.26
C THR D 115 -5.72 -22.13 20.66
N VAL D 116 -6.42 -23.11 20.07
CA VAL D 116 -7.83 -23.36 20.37
C VAL D 116 -8.00 -24.56 21.29
N SER D 117 -8.33 -24.33 22.55
CA SER D 117 -8.49 -25.43 23.51
C SER D 117 -9.21 -25.13 24.83
N ALA D 118 -9.68 -26.22 25.43
CA ALA D 118 -10.40 -26.19 26.69
C ALA D 118 -9.41 -26.15 27.83
N ALA D 119 -8.19 -26.60 27.53
CA ALA D 119 -7.11 -26.66 28.50
C ALA D 119 -6.84 -25.33 29.17
N LYS D 120 -6.42 -25.42 30.42
CA LYS D 120 -6.13 -24.27 31.24
C LYS D 120 -4.64 -23.97 31.06
N THR D 121 -4.23 -22.71 31.23
CA THR D 121 -2.81 -22.39 31.08
C THR D 121 -2.11 -22.71 32.38
N THR D 122 -1.00 -23.42 32.23
CA THR D 122 -0.14 -23.88 33.32
C THR D 122 1.28 -23.31 33.17
N PRO D 123 1.87 -22.85 34.27
CA PRO D 123 3.22 -22.30 34.18
C PRO D 123 4.12 -23.47 33.92
N PRO D 124 5.37 -23.21 33.51
CA PRO D 124 6.33 -24.26 33.23
C PRO D 124 7.19 -24.42 34.45
N SER D 125 7.89 -25.56 34.51
CA SER D 125 8.82 -25.84 35.59
C SER D 125 10.13 -26.00 34.81
N VAL D 126 11.10 -25.15 35.11
CA VAL D 126 12.38 -25.19 34.41
C VAL D 126 13.38 -25.84 35.33
N TYR D 127 14.00 -26.92 34.85
CA TYR D 127 14.98 -27.67 35.62
C TYR D 127 16.36 -27.50 35.03
N PRO D 128 17.38 -27.51 35.87
CA PRO D 128 18.74 -27.35 35.33
C PRO D 128 19.34 -28.67 34.85
N LEU D 129 19.83 -28.70 33.61
CA LEU D 129 20.47 -29.91 33.07
C LEU D 129 21.97 -29.75 33.07
N ALA D 130 22.60 -30.15 34.17
CA ALA D 130 24.04 -30.06 34.33
C ALA D 130 24.66 -31.46 34.33
N PRO D 131 25.94 -31.55 33.96
CA PRO D 131 26.67 -32.82 33.92
C PRO D 131 27.12 -33.21 35.32
N GLY D 132 27.23 -34.52 35.56
CA GLY D 132 27.66 -35.02 36.86
C GLY D 132 29.17 -34.91 37.11
N SER D 133 29.96 -35.51 36.23
CA SER D 133 31.42 -35.48 36.36
C SER D 133 32.16 -36.02 35.13
N ALA D 134 31.96 -37.30 34.82
CA ALA D 134 32.61 -37.93 33.67
C ALA D 134 32.39 -37.09 32.43
N ALA D 135 33.35 -36.21 32.14
CA ALA D 135 33.29 -35.32 30.99
C ALA D 135 34.55 -35.43 30.11
N GLN D 136 34.99 -36.66 29.90
CA GLN D 136 36.19 -36.96 29.09
C GLN D 136 36.25 -36.11 27.82
N THR D 137 35.11 -36.07 27.12
CA THR D 137 34.95 -35.33 25.88
C THR D 137 34.96 -33.81 26.08
N ASN D 138 35.64 -33.34 27.12
CA ASN D 138 35.68 -31.93 27.46
C ASN D 138 36.41 -30.95 26.55
N SER D 139 35.90 -30.78 25.33
CA SER D 139 36.44 -29.81 24.40
C SER D 139 35.59 -28.56 24.77
N MET D 140 34.27 -28.73 24.63
CA MET D 140 33.30 -27.70 24.99
C MET D 140 32.22 -28.49 25.70
N VAL D 141 31.72 -27.94 26.82
CA VAL D 141 30.69 -28.60 27.60
C VAL D 141 29.29 -28.19 27.12
N THR D 142 28.42 -29.19 26.98
CA THR D 142 27.04 -28.99 26.56
C THR D 142 26.14 -29.18 27.76
N LEU D 143 25.41 -28.10 28.09
CA LEU D 143 24.47 -28.06 29.21
C LEU D 143 23.08 -27.84 28.61
N GLY D 144 22.05 -27.86 29.45
CA GLY D 144 20.70 -27.65 28.96
C GLY D 144 19.73 -27.34 30.08
N CYS D 145 18.48 -27.06 29.70
CA CYS D 145 17.40 -26.76 30.65
C CYS D 145 16.15 -27.50 30.20
N LEU D 146 15.38 -27.98 31.16
CA LEU D 146 14.14 -28.70 30.87
C LEU D 146 12.88 -27.95 31.33
N VAL D 147 12.09 -27.43 30.38
CA VAL D 147 10.85 -26.72 30.71
C VAL D 147 9.70 -27.72 30.58
N LYS D 148 9.17 -28.16 31.72
CA LYS D 148 8.15 -29.18 31.70
C LYS D 148 6.81 -28.71 32.18
N GLY D 149 5.79 -29.21 31.48
CA GLY D 149 4.42 -28.93 31.84
C GLY D 149 3.85 -27.54 31.78
N TYR D 150 3.74 -26.98 30.59
CA TYR D 150 3.17 -25.66 30.46
C TYR D 150 2.13 -25.72 29.37
N PHE D 151 1.15 -24.84 29.46
CA PHE D 151 0.14 -24.73 28.42
C PHE D 151 -0.30 -23.28 28.41
N PRO D 152 -0.41 -22.68 27.22
CA PRO D 152 -0.13 -23.33 25.94
C PRO D 152 1.19 -22.82 25.48
N GLU D 153 1.39 -22.86 24.17
CA GLU D 153 2.60 -22.39 23.52
C GLU D 153 2.48 -20.85 23.41
N PRO D 154 3.60 -20.15 23.38
CA PRO D 154 4.91 -20.73 23.45
C PRO D 154 5.58 -20.37 24.74
N VAL D 155 6.83 -20.79 24.82
CA VAL D 155 7.72 -20.53 25.93
C VAL D 155 8.97 -20.12 25.13
N THR D 156 9.92 -19.42 25.73
CA THR D 156 11.09 -18.99 24.97
C THR D 156 12.33 -19.15 25.83
N VAL D 157 13.34 -19.92 25.42
CA VAL D 157 14.51 -20.02 26.28
C VAL D 157 15.64 -19.19 25.72
N THR D 158 16.63 -18.91 26.54
CA THR D 158 17.77 -18.09 26.15
C THR D 158 18.89 -18.45 27.10
N TRP D 159 20.12 -18.22 26.66
CA TRP D 159 21.28 -18.51 27.50
C TRP D 159 22.08 -17.23 27.70
N ASN D 160 22.35 -16.96 28.97
CA ASN D 160 23.06 -15.76 29.33
C ASN D 160 22.51 -14.53 28.62
N SER D 161 21.21 -14.33 28.79
CA SER D 161 20.46 -13.20 28.24
C SER D 161 20.74 -12.74 26.81
N GLY D 162 21.05 -13.67 25.91
CA GLY D 162 21.31 -13.29 24.54
C GLY D 162 22.78 -13.41 24.16
N SER D 163 23.65 -13.55 25.18
CA SER D 163 25.09 -13.71 25.04
C SER D 163 25.35 -15.05 24.40
N LEU D 164 25.02 -16.13 25.11
CA LEU D 164 25.25 -17.46 24.54
C LEU D 164 24.20 -17.67 23.45
N SER D 165 24.46 -17.13 22.27
CA SER D 165 23.53 -17.25 21.16
C SER D 165 24.14 -18.07 20.04
N SER D 166 25.02 -18.99 20.38
CA SER D 166 25.69 -19.79 19.36
C SER D 166 25.38 -21.29 19.25
N GLY D 167 25.97 -22.10 20.13
CA GLY D 167 25.72 -23.54 20.06
C GLY D 167 24.53 -23.92 20.92
N VAL D 168 23.37 -23.36 20.57
CA VAL D 168 22.16 -23.61 21.32
C VAL D 168 21.23 -24.41 20.46
N HIS D 169 20.60 -25.41 21.05
CA HIS D 169 19.63 -26.20 20.30
C HIS D 169 18.30 -26.19 21.04
N THR D 170 17.34 -25.41 20.55
CA THR D 170 16.04 -25.39 21.21
C THR D 170 15.13 -26.30 20.41
N PHE D 171 14.74 -27.41 21.02
CA PHE D 171 13.89 -28.39 20.37
C PHE D 171 12.41 -28.12 20.45
N PRO D 172 11.69 -28.48 19.39
CA PRO D 172 10.25 -28.29 19.33
C PRO D 172 9.63 -29.02 20.49
N ALA D 173 8.73 -28.37 21.21
CA ALA D 173 8.08 -29.00 22.34
C ALA D 173 7.10 -30.13 21.94
N VAL D 174 6.88 -31.04 22.88
CA VAL D 174 5.99 -32.19 22.70
C VAL D 174 4.77 -32.00 23.63
N LEU D 175 3.59 -32.39 23.13
CA LEU D 175 2.38 -32.24 23.91
C LEU D 175 1.94 -33.55 24.56
N GLN D 176 2.09 -33.62 25.89
CA GLN D 176 1.67 -34.78 26.64
C GLN D 176 0.22 -34.48 27.00
N SER D 177 -0.41 -35.27 27.88
CA SER D 177 -1.80 -35.05 28.29
C SER D 177 -2.02 -33.53 28.45
N ASP D 178 -2.46 -32.93 27.34
CA ASP D 178 -2.61 -31.48 27.15
C ASP D 178 -1.74 -30.58 28.03
N LEU D 179 -0.45 -30.88 27.98
CA LEU D 179 0.54 -30.13 28.70
C LEU D 179 1.83 -30.31 27.92
N TYR D 180 2.55 -29.20 27.72
CA TYR D 180 3.81 -29.18 26.95
C TYR D 180 5.08 -29.32 27.75
N THR D 181 6.09 -29.88 27.10
CA THR D 181 7.41 -30.06 27.68
C THR D 181 8.41 -29.88 26.55
N LEU D 182 9.48 -29.15 26.84
CA LEU D 182 10.50 -28.81 25.86
C LEU D 182 11.87 -28.77 26.57
N SER D 183 12.94 -28.60 25.81
CA SER D 183 14.30 -28.55 26.35
C SER D 183 15.21 -27.87 25.36
N SER D 184 16.25 -27.24 25.88
CA SER D 184 17.18 -26.53 25.00
C SER D 184 18.60 -26.77 25.49
N SER D 185 19.53 -26.96 24.56
CA SER D 185 20.93 -27.21 24.92
C SER D 185 21.83 -26.02 24.63
N VAL D 186 22.95 -25.96 25.35
CA VAL D 186 23.92 -24.90 25.16
C VAL D 186 25.30 -25.52 25.25
N THR D 187 26.15 -25.13 24.32
CA THR D 187 27.51 -25.64 24.26
C THR D 187 28.52 -24.50 24.41
N VAL D 188 29.35 -24.61 25.45
CA VAL D 188 30.38 -23.61 25.72
C VAL D 188 31.72 -24.34 25.89
N PRO D 189 32.84 -23.63 25.61
CA PRO D 189 34.17 -24.21 25.73
C PRO D 189 34.25 -24.79 27.13
N SER D 190 34.88 -25.95 27.25
CA SER D 190 35.00 -26.60 28.54
C SER D 190 35.66 -25.70 29.60
N SER D 191 36.36 -24.67 29.13
CA SER D 191 37.02 -23.71 30.02
C SER D 191 36.02 -22.80 30.76
N PRO D 192 35.18 -22.02 30.01
CA PRO D 192 34.22 -21.15 30.66
C PRO D 192 32.94 -21.83 31.12
N ARG D 193 33.04 -22.63 32.19
CA ARG D 193 31.88 -23.28 32.72
C ARG D 193 32.08 -23.91 34.09
N PRO D 194 32.89 -24.99 34.19
CA PRO D 194 33.09 -25.60 35.51
C PRO D 194 33.45 -24.51 36.52
N SER D 195 32.43 -24.01 37.20
CA SER D 195 32.55 -22.95 38.17
C SER D 195 32.56 -21.57 37.50
N GLU D 196 31.54 -21.35 36.67
CA GLU D 196 31.34 -20.07 36.01
C GLU D 196 29.88 -19.66 36.24
N THR D 197 29.15 -19.31 35.19
CA THR D 197 27.76 -18.94 35.36
C THR D 197 26.87 -19.80 34.48
N VAL D 198 26.54 -19.28 33.30
CA VAL D 198 25.67 -19.95 32.36
C VAL D 198 24.33 -20.20 33.05
N THR D 199 23.33 -19.49 32.56
CA THR D 199 21.97 -19.54 33.07
C THR D 199 21.02 -19.63 31.87
N CYS D 200 19.89 -20.33 32.02
CA CYS D 200 18.91 -20.38 30.93
C CYS D 200 17.73 -19.53 31.32
N ASN D 201 17.34 -18.61 30.45
CA ASN D 201 16.24 -17.70 30.71
C ASN D 201 14.96 -18.16 30.07
N VAL D 202 14.13 -18.87 30.82
CA VAL D 202 12.86 -19.33 30.29
C VAL D 202 11.76 -18.33 30.59
N ALA D 203 10.83 -18.20 29.64
CA ALA D 203 9.71 -17.28 29.79
C ALA D 203 8.46 -17.85 29.17
N HIS D 204 7.39 -17.88 29.95
CA HIS D 204 6.13 -18.37 29.46
C HIS D 204 5.16 -17.24 29.68
N PRO D 205 4.98 -16.40 28.65
CA PRO D 205 4.08 -15.24 28.65
C PRO D 205 2.63 -15.61 29.01
N ALA D 206 2.16 -16.72 28.45
CA ALA D 206 0.81 -17.21 28.69
C ALA D 206 0.42 -17.19 30.16
N SER D 207 1.40 -17.27 31.06
CA SER D 207 1.12 -17.26 32.49
C SER D 207 2.00 -16.32 33.30
N SER D 208 2.59 -15.35 32.61
CA SER D 208 3.47 -14.36 33.26
C SER D 208 4.63 -14.94 34.06
N THR D 209 5.23 -16.02 33.54
CA THR D 209 6.35 -16.71 34.19
C THR D 209 7.69 -16.35 33.60
N LYS D 210 8.70 -16.11 34.44
CA LYS D 210 10.06 -15.78 34.00
C LYS D 210 11.01 -16.48 34.96
N VAL D 211 11.71 -17.49 34.45
CA VAL D 211 12.63 -18.28 35.27
C VAL D 211 14.01 -18.29 34.64
N ASP D 212 15.01 -18.04 35.47
CA ASP D 212 16.38 -18.04 35.02
C ASP D 212 17.14 -19.04 35.85
N LYS D 213 17.34 -20.23 35.30
CA LYS D 213 18.09 -21.24 36.02
C LYS D 213 19.57 -21.16 35.68
N LYS D 214 20.37 -21.04 36.74
CA LYS D 214 21.81 -20.98 36.62
C LYS D 214 22.13 -22.46 36.67
N ILE D 215 22.91 -22.92 35.70
CA ILE D 215 23.26 -24.33 35.66
C ILE D 215 24.45 -24.52 36.58
N VAL D 216 24.24 -25.18 37.70
CA VAL D 216 25.34 -25.41 38.62
C VAL D 216 25.50 -26.91 38.76
N PRO D 217 26.74 -27.37 38.98
CA PRO D 217 27.18 -28.76 39.15
C PRO D 217 26.34 -29.68 40.01
#